data_6V7N
#
_entry.id   6V7N
#
_cell.length_a   97.145
_cell.length_b   165.486
_cell.length_c   60.360
_cell.angle_alpha   90.000
_cell.angle_beta   90.000
_cell.angle_gamma   90.000
#
_symmetry.space_group_name_H-M   'P 21 21 2'
#
loop_
_entity.id
_entity.type
_entity.pdbx_description
1 polymer 'Lysosomal acid lipase/cholesteryl ester hydrolase'
2 branched 2-acetamido-2-deoxy-beta-D-glucopyranose-(1-4)-2-acetamido-2-deoxy-beta-D-glucopyranose
3 non-polymer 2-acetamido-2-deoxy-beta-D-glucopyranose
4 non-polymer 'SULFATE ION'
5 water water
#
_entity_poly.entity_id   1
_entity_poly.type   'polypeptide(L)'
_entity_poly.pdbx_seq_one_letter_code
;SGGKLTAVDPETNMNVSEIISYWGFPSEEYLVETEDGYILCLNRIPHGRKQHSDKGPKPVVFLQHGLLADSSNWVTNLAQ
SSLGFILADAGFDVWMGNSRGNTWSRKHKTLSVSQDEFWAFSYDEMAKYDLPASINFILNKTGQEQVYYVGHSQGTTIGF
IAFSQIPELAKRIKMFFALGPVASVAFCTSPMAKLGRLPDHLIKDLFGDKEFLPQSAFLKWLGTHVCTHVILKELCGNLC
FLLCGFNERNLNMSRVDVYTTHSPAGTSVQNMLHWSQAVKFQKFQAFDWGSSAKNYFHYQQSYPPTYNVKDMLVPTAVWS
GGHDWLADVYDVNILLTQITNLVFHESIPEWEHLDFIWGLDAPWRLYNKIINLMRKYQASENNL
;
_entity_poly.pdbx_strand_id   A,B
#
loop_
_chem_comp.id
_chem_comp.type
_chem_comp.name
_chem_comp.formula
NAG D-saccharide, beta linking 2-acetamido-2-deoxy-beta-D-glucopyranose 'C8 H15 N O6'
SO4 non-polymer 'SULFATE ION' 'O4 S -2'
#
# COMPACT_ATOMS: atom_id res chain seq x y z
N ASP A 9 -14.66 -6.32 44.69
CA ASP A 9 -13.56 -6.65 43.78
C ASP A 9 -12.51 -5.52 43.74
N PRO A 10 -11.23 -5.81 44.08
CA PRO A 10 -10.20 -4.75 44.08
C PRO A 10 -9.88 -4.12 42.73
N GLU A 11 -10.12 -4.85 41.63
CA GLU A 11 -9.84 -4.38 40.27
C GLU A 11 -10.76 -3.26 39.78
N THR A 12 -11.98 -3.15 40.35
CA THR A 12 -13.01 -2.16 39.97
C THR A 12 -12.50 -0.72 39.95
N ASN A 13 -11.98 -0.24 41.10
CA ASN A 13 -11.48 1.12 41.26
C ASN A 13 -9.94 1.19 41.21
N MET A 14 -9.35 0.47 40.24
CA MET A 14 -7.91 0.35 40.00
C MET A 14 -7.56 0.79 38.59
N ASN A 15 -6.36 1.36 38.38
CA ASN A 15 -5.94 1.69 37.03
C ASN A 15 -5.36 0.43 36.38
N VAL A 16 -5.20 0.42 35.05
CA VAL A 16 -4.74 -0.74 34.28
C VAL A 16 -3.34 -1.25 34.72
N SER A 17 -2.41 -0.37 35.15
CA SER A 17 -1.10 -0.78 35.66
C SER A 17 -1.25 -1.50 37.02
N GLU A 18 -2.16 -0.98 37.88
CA GLU A 18 -2.49 -1.54 39.20
C GLU A 18 -3.11 -2.94 39.09
N ILE A 19 -3.89 -3.20 38.03
CA ILE A 19 -4.52 -4.50 37.76
C ILE A 19 -3.43 -5.54 37.41
N ILE A 20 -2.49 -5.18 36.50
CA ILE A 20 -1.36 -6.03 36.08
C ILE A 20 -0.51 -6.41 37.32
N SER A 21 -0.13 -5.40 38.14
CA SER A 21 0.65 -5.56 39.37
C SER A 21 -0.09 -6.40 40.41
N TYR A 22 -1.44 -6.30 40.44
CA TYR A 22 -2.29 -7.07 41.37
C TYR A 22 -2.24 -8.58 41.06
N TRP A 23 -2.25 -8.95 39.75
CA TRP A 23 -2.20 -10.35 39.31
C TRP A 23 -0.79 -10.97 39.29
N GLY A 24 0.19 -10.23 39.80
CA GLY A 24 1.59 -10.67 39.91
C GLY A 24 2.40 -10.57 38.64
N PHE A 25 2.08 -9.58 37.79
CA PHE A 25 2.79 -9.39 36.53
C PHE A 25 3.64 -8.12 36.50
N PRO A 26 4.75 -8.11 35.73
CA PRO A 26 5.52 -6.86 35.59
C PRO A 26 4.69 -5.86 34.78
N SER A 27 4.64 -4.62 35.26
CA SER A 27 3.85 -3.54 34.65
C SER A 27 4.76 -2.42 34.20
N GLU A 28 4.44 -1.83 33.06
CA GLU A 28 5.15 -0.71 32.47
C GLU A 28 4.22 0.16 31.67
N GLU A 29 4.30 1.48 31.85
CA GLU A 29 3.52 2.41 31.04
C GLU A 29 4.42 3.39 30.32
N TYR A 30 4.00 3.81 29.13
CA TYR A 30 4.77 4.71 28.29
C TYR A 30 3.88 5.76 27.66
N LEU A 31 4.36 6.99 27.64
CA LEU A 31 3.68 8.09 26.99
C LEU A 31 4.28 8.28 25.62
N VAL A 32 3.45 8.22 24.58
CA VAL A 32 3.87 8.34 23.18
C VAL A 32 3.19 9.57 22.61
N GLU A 33 3.89 10.34 21.78
CA GLU A 33 3.36 11.55 21.18
C GLU A 33 3.10 11.30 19.71
N THR A 34 1.87 11.58 19.25
CA THR A 34 1.51 11.41 17.85
C THR A 34 2.04 12.60 17.05
N GLU A 35 2.06 12.47 15.70
CA GLU A 35 2.49 13.53 14.79
C GLU A 35 1.62 14.76 14.97
N ASP A 36 0.36 14.59 15.46
CA ASP A 36 -0.57 15.70 15.66
C ASP A 36 -0.70 16.11 17.15
N GLY A 37 0.29 15.75 17.97
CA GLY A 37 0.42 16.18 19.37
C GLY A 37 -0.38 15.52 20.47
N TYR A 38 -1.07 14.41 20.20
CA TYR A 38 -1.80 13.71 21.25
C TYR A 38 -0.84 12.84 22.04
N ILE A 39 -1.06 12.75 23.37
CA ILE A 39 -0.19 11.96 24.26
C ILE A 39 -0.91 10.69 24.69
N LEU A 40 -0.54 9.56 24.05
CA LEU A 40 -1.12 8.24 24.31
C LEU A 40 -0.40 7.48 25.42
N CYS A 41 -1.18 6.73 26.22
CA CYS A 41 -0.63 5.88 27.27
C CYS A 41 -0.60 4.43 26.79
N LEU A 42 0.58 3.86 26.75
CA LEU A 42 0.81 2.48 26.35
C LEU A 42 1.03 1.66 27.60
N ASN A 43 0.44 0.48 27.65
CA ASN A 43 0.61 -0.45 28.77
C ASN A 43 1.41 -1.63 28.29
N ARG A 44 2.36 -2.09 29.10
CA ARG A 44 3.24 -3.17 28.73
C ARG A 44 3.33 -4.24 29.80
N ILE A 45 3.24 -5.51 29.38
CA ILE A 45 3.48 -6.67 30.23
C ILE A 45 4.74 -7.34 29.63
N PRO A 46 5.95 -6.89 30.06
CA PRO A 46 7.20 -7.38 29.43
C PRO A 46 7.44 -8.90 29.46
N HIS A 47 7.00 -9.59 30.53
CA HIS A 47 7.16 -11.04 30.68
C HIS A 47 6.06 -11.62 31.55
N GLY A 48 6.00 -12.95 31.65
CA GLY A 48 5.01 -13.68 32.44
C GLY A 48 5.28 -13.64 33.92
N ARG A 49 4.40 -14.26 34.71
CA ARG A 49 4.56 -14.31 36.17
C ARG A 49 5.50 -15.43 36.61
N PRO A 57 15.34 -11.14 23.36
CA PRO A 57 14.14 -10.30 23.19
C PRO A 57 12.92 -11.12 22.74
N LYS A 58 11.81 -11.02 23.49
CA LYS A 58 10.57 -11.75 23.25
C LYS A 58 9.80 -11.21 22.01
N PRO A 59 8.97 -12.05 21.31
CA PRO A 59 8.16 -11.53 20.20
C PRO A 59 7.10 -10.58 20.75
N VAL A 60 6.87 -9.49 20.02
CA VAL A 60 5.92 -8.45 20.43
C VAL A 60 4.51 -8.66 19.88
N VAL A 61 3.52 -8.47 20.76
CA VAL A 61 2.09 -8.48 20.46
C VAL A 61 1.52 -7.13 20.87
N PHE A 62 0.80 -6.48 19.96
CA PHE A 62 0.12 -5.22 20.21
C PHE A 62 -1.40 -5.48 20.26
N LEU A 63 -2.03 -5.20 21.42
CA LEU A 63 -3.47 -5.39 21.67
C LEU A 63 -4.17 -4.05 21.62
N GLN A 64 -5.14 -3.93 20.71
CA GLN A 64 -5.91 -2.72 20.51
C GLN A 64 -7.39 -2.91 20.82
N HIS A 65 -7.89 -2.11 21.76
CA HIS A 65 -9.28 -2.14 22.20
C HIS A 65 -10.23 -1.54 21.15
N GLY A 66 -11.52 -1.74 21.38
CA GLY A 66 -12.56 -1.28 20.48
C GLY A 66 -13.30 -0.04 20.95
N LEU A 67 -14.53 0.09 20.48
CA LEU A 67 -15.38 1.25 20.72
C LEU A 67 -15.62 1.52 22.21
N LEU A 68 -15.29 2.77 22.64
CA LEU A 68 -15.47 3.28 24.01
C LEU A 68 -14.77 2.43 25.08
N ALA A 69 -13.66 1.78 24.72
CA ALA A 69 -12.93 0.90 25.63
C ALA A 69 -11.54 1.41 25.93
N ASP A 70 -10.72 0.58 26.59
CA ASP A 70 -9.33 0.89 26.95
C ASP A 70 -8.55 -0.41 27.10
N SER A 71 -7.29 -0.30 27.56
CA SER A 71 -6.35 -1.38 27.84
C SER A 71 -6.93 -2.41 28.82
N SER A 72 -7.85 -1.98 29.74
CA SER A 72 -8.53 -2.84 30.72
C SER A 72 -9.05 -4.11 30.07
N ASN A 73 -9.70 -3.97 28.90
CA ASN A 73 -10.33 -5.03 28.10
C ASN A 73 -9.54 -6.34 28.02
N TRP A 74 -8.20 -6.28 28.05
CA TRP A 74 -7.36 -7.47 27.90
C TRP A 74 -6.82 -8.03 29.19
N VAL A 75 -7.16 -7.40 30.34
CA VAL A 75 -6.67 -7.76 31.66
C VAL A 75 -7.78 -7.72 32.76
N THR A 76 -9.08 -7.77 32.36
CA THR A 76 -10.22 -7.63 33.28
C THR A 76 -10.84 -8.97 33.79
N ASN A 77 -10.43 -10.13 33.24
CA ASN A 77 -10.91 -11.42 33.77
C ASN A 77 -9.84 -11.88 34.79
N LEU A 78 -9.54 -13.19 34.87
CA LEU A 78 -8.52 -13.67 35.79
C LEU A 78 -7.18 -13.83 35.05
N ALA A 79 -6.07 -14.08 35.79
CA ALA A 79 -4.72 -14.25 35.23
C ALA A 79 -4.62 -15.33 34.17
N GLN A 80 -5.40 -16.40 34.30
CA GLN A 80 -5.34 -17.48 33.33
C GLN A 80 -6.50 -17.44 32.33
N SER A 81 -7.35 -16.37 32.36
CA SER A 81 -8.50 -16.21 31.47
C SER A 81 -8.56 -14.83 30.72
N SER A 82 -7.55 -13.96 30.90
CA SER A 82 -7.43 -12.66 30.20
C SER A 82 -6.31 -12.75 29.15
N LEU A 83 -6.61 -12.37 27.86
CA LEU A 83 -5.65 -12.44 26.74
C LEU A 83 -4.27 -11.81 27.04
N GLY A 84 -4.27 -10.58 27.57
CA GLY A 84 -3.06 -9.84 27.92
C GLY A 84 -2.13 -10.63 28.82
N PHE A 85 -2.71 -11.30 29.82
CA PHE A 85 -1.99 -12.11 30.79
C PHE A 85 -1.53 -13.45 30.23
N ILE A 86 -2.37 -14.12 29.39
CA ILE A 86 -2.00 -15.44 28.88
C ILE A 86 -0.89 -15.31 27.82
N LEU A 87 -0.88 -14.19 27.06
CA LEU A 87 0.16 -13.93 26.06
C LEU A 87 1.50 -13.73 26.74
N ALA A 88 1.52 -13.00 27.89
CA ALA A 88 2.74 -12.78 28.69
C ALA A 88 3.30 -14.12 29.17
N ASP A 89 2.42 -14.98 29.73
CA ASP A 89 2.78 -16.32 30.21
C ASP A 89 3.19 -17.28 29.07
N ALA A 90 2.73 -17.02 27.82
CA ALA A 90 3.10 -17.81 26.63
C ALA A 90 4.42 -17.35 25.98
N GLY A 91 5.11 -16.40 26.62
CA GLY A 91 6.40 -15.87 26.20
C GLY A 91 6.40 -14.68 25.26
N PHE A 92 5.35 -13.83 25.32
CA PHE A 92 5.26 -12.64 24.48
C PHE A 92 5.44 -11.34 25.24
N ASP A 93 6.05 -10.33 24.57
CA ASP A 93 6.18 -9.00 25.14
C ASP A 93 4.87 -8.28 24.75
N VAL A 94 3.95 -8.15 25.72
CA VAL A 94 2.60 -7.61 25.55
C VAL A 94 2.53 -6.08 25.60
N TRP A 95 2.04 -5.47 24.53
CA TRP A 95 1.82 -4.03 24.49
C TRP A 95 0.35 -3.79 24.22
N MET A 96 -0.25 -2.89 25.00
CA MET A 96 -1.66 -2.54 24.91
C MET A 96 -1.78 -1.05 24.68
N GLY A 97 -2.47 -0.70 23.60
CA GLY A 97 -2.69 0.68 23.17
C GLY A 97 -3.93 1.31 23.76
N ASN A 98 -3.92 2.64 23.84
CA ASN A 98 -5.03 3.43 24.33
C ASN A 98 -5.31 4.54 23.33
N SER A 99 -6.47 4.44 22.68
CA SER A 99 -6.97 5.37 21.67
C SER A 99 -7.18 6.73 22.24
N ARG A 100 -6.83 7.76 21.45
CA ARG A 100 -6.99 9.16 21.84
C ARG A 100 -8.42 9.44 22.32
N GLY A 101 -8.55 10.16 23.43
CA GLY A 101 -9.85 10.52 23.98
C GLY A 101 -10.35 9.63 25.10
N ASN A 102 -9.76 8.44 25.27
CA ASN A 102 -10.17 7.57 26.37
C ASN A 102 -9.52 8.06 27.70
N THR A 103 -9.83 7.38 28.81
CA THR A 103 -9.37 7.70 30.17
C THR A 103 -7.86 8.01 30.26
N TRP A 104 -7.04 7.20 29.58
CA TRP A 104 -5.59 7.25 29.69
C TRP A 104 -4.89 8.04 28.59
N SER A 105 -5.58 8.31 27.47
CA SER A 105 -5.06 9.09 26.35
C SER A 105 -5.86 10.37 26.12
N ARG A 106 -6.09 11.20 27.17
CA ARG A 106 -6.82 12.47 27.02
C ARG A 106 -5.93 13.69 27.36
N LYS A 107 -4.68 13.64 26.91
CA LYS A 107 -3.71 14.71 27.05
C LYS A 107 -3.13 15.09 25.68
N HIS A 108 -2.80 16.37 25.52
CA HIS A 108 -2.26 16.92 24.29
C HIS A 108 -1.11 17.84 24.60
N LYS A 109 -0.15 17.94 23.66
CA LYS A 109 1.02 18.81 23.78
C LYS A 109 0.62 20.28 23.95
N THR A 110 -0.43 20.71 23.21
CA THR A 110 -0.89 22.10 23.18
C THR A 110 -2.33 22.26 23.66
N LEU A 111 -3.25 21.46 23.10
CA LEU A 111 -4.67 21.57 23.40
C LEU A 111 -5.10 21.07 24.77
N SER A 112 -6.12 21.72 25.33
CA SER A 112 -6.73 21.32 26.59
C SER A 112 -7.95 20.49 26.22
N VAL A 113 -8.35 19.59 27.13
CA VAL A 113 -9.50 18.71 27.03
C VAL A 113 -10.83 19.53 27.07
N SER A 114 -10.74 20.84 27.39
CA SER A 114 -11.85 21.78 27.46
C SER A 114 -12.12 22.47 26.11
N GLN A 115 -11.19 22.34 25.16
CA GLN A 115 -11.29 22.91 23.82
C GLN A 115 -11.95 21.90 22.86
N ASP A 116 -12.86 22.38 21.98
CA ASP A 116 -13.56 21.57 20.98
C ASP A 116 -12.58 20.92 19.99
N GLU A 117 -11.52 21.67 19.60
CA GLU A 117 -10.45 21.24 18.70
C GLU A 117 -9.75 19.95 19.22
N PHE A 118 -9.66 19.79 20.57
CA PHE A 118 -9.10 18.57 21.14
C PHE A 118 -9.87 17.32 20.71
N TRP A 119 -11.23 17.42 20.67
CA TRP A 119 -12.16 16.34 20.37
C TRP A 119 -12.51 16.17 18.90
N ALA A 120 -11.91 16.99 18.03
CA ALA A 120 -12.16 16.99 16.59
C ALA A 120 -11.40 15.86 15.88
N PHE A 121 -11.67 14.60 16.31
CA PHE A 121 -11.07 13.37 15.78
C PHE A 121 -12.11 12.26 15.75
N SER A 122 -11.82 11.18 15.02
CA SER A 122 -12.62 9.95 14.93
C SER A 122 -11.62 8.80 14.71
N TYR A 123 -12.08 7.61 14.32
CA TYR A 123 -11.18 6.47 14.12
C TYR A 123 -10.18 6.67 12.96
N ASP A 124 -10.42 7.67 12.09
CA ASP A 124 -9.53 8.11 11.00
C ASP A 124 -8.16 8.48 11.53
N GLU A 125 -8.15 9.32 12.59
CA GLU A 125 -6.93 9.81 13.22
C GLU A 125 -6.28 8.74 14.08
N MET A 126 -7.08 7.81 14.62
CA MET A 126 -6.60 6.67 15.41
C MET A 126 -5.75 5.75 14.51
N ALA A 127 -6.25 5.49 13.30
CA ALA A 127 -5.59 4.68 12.27
C ALA A 127 -4.39 5.39 11.65
N LYS A 128 -4.55 6.68 11.32
CA LYS A 128 -3.51 7.50 10.70
C LYS A 128 -2.38 7.95 11.62
N TYR A 129 -2.67 8.23 12.90
CA TYR A 129 -1.66 8.76 13.80
C TYR A 129 -1.41 7.93 15.03
N ASP A 130 -2.47 7.44 15.71
CA ASP A 130 -2.27 6.62 16.91
C ASP A 130 -1.49 5.34 16.64
N LEU A 131 -1.91 4.54 15.65
CA LEU A 131 -1.22 3.26 15.36
C LEU A 131 0.23 3.42 14.90
N PRO A 132 0.55 4.24 13.86
CA PRO A 132 1.96 4.38 13.46
C PRO A 132 2.86 4.85 14.61
N ALA A 133 2.42 5.87 15.39
CA ALA A 133 3.16 6.40 16.53
C ALA A 133 3.40 5.32 17.59
N SER A 134 2.34 4.55 17.94
CA SER A 134 2.38 3.48 18.94
C SER A 134 3.30 2.34 18.53
N ILE A 135 3.13 1.81 17.30
CA ILE A 135 3.93 0.70 16.76
C ILE A 135 5.39 1.12 16.58
N ASN A 136 5.64 2.29 15.96
CA ASN A 136 7.01 2.77 15.74
C ASN A 136 7.76 3.04 17.06
N PHE A 137 7.03 3.42 18.14
CA PHE A 137 7.59 3.61 19.49
C PHE A 137 8.10 2.28 20.00
N ILE A 138 7.28 1.22 19.88
CA ILE A 138 7.57 -0.15 20.33
C ILE A 138 8.78 -0.71 19.61
N LEU A 139 8.75 -0.67 18.26
CA LEU A 139 9.85 -1.20 17.45
C LEU A 139 11.18 -0.55 17.76
N ASN A 140 11.18 0.75 18.11
CA ASN A 140 12.35 1.52 18.50
C ASN A 140 12.83 1.07 19.88
N LYS A 141 11.90 0.94 20.83
CA LYS A 141 12.16 0.50 22.21
C LYS A 141 12.72 -0.92 22.28
N THR A 142 12.12 -1.85 21.53
CA THR A 142 12.47 -3.27 21.55
C THR A 142 13.64 -3.63 20.63
N GLY A 143 13.72 -2.98 19.48
CA GLY A 143 14.74 -3.27 18.48
C GLY A 143 14.22 -4.26 17.45
N GLN A 144 13.00 -4.79 17.69
CA GLN A 144 12.31 -5.73 16.81
C GLN A 144 11.91 -5.04 15.52
N GLU A 145 11.77 -5.82 14.42
CA GLU A 145 11.39 -5.32 13.09
C GLU A 145 9.88 -5.42 12.86
N GLN A 146 9.21 -6.38 13.53
CA GLN A 146 7.78 -6.60 13.36
C GLN A 146 7.02 -6.85 14.67
N VAL A 147 5.67 -6.81 14.60
CA VAL A 147 4.75 -7.07 15.72
C VAL A 147 3.58 -7.93 15.24
N TYR A 148 2.91 -8.62 16.18
CA TYR A 148 1.65 -9.29 15.92
C TYR A 148 0.65 -8.25 16.37
N TYR A 149 -0.44 -8.09 15.62
CA TYR A 149 -1.47 -7.11 15.95
C TYR A 149 -2.76 -7.82 16.26
N VAL A 150 -3.38 -7.49 17.42
CA VAL A 150 -4.66 -8.05 17.84
C VAL A 150 -5.60 -6.88 18.09
N GLY A 151 -6.73 -6.89 17.42
CA GLY A 151 -7.72 -5.84 17.58
C GLY A 151 -9.07 -6.42 17.87
N HIS A 152 -9.86 -5.69 18.66
CA HIS A 152 -11.23 -6.06 18.98
C HIS A 152 -12.09 -4.90 18.59
N SER A 153 -13.21 -5.17 17.92
CA SER A 153 -14.22 -4.16 17.55
C SER A 153 -13.59 -3.03 16.71
N GLN A 154 -13.63 -1.78 17.23
CA GLN A 154 -13.06 -0.63 16.57
C GLN A 154 -11.52 -0.74 16.34
N GLY A 155 -10.82 -1.51 17.17
CA GLY A 155 -9.38 -1.76 17.00
C GLY A 155 -9.08 -2.52 15.72
N THR A 156 -10.06 -3.29 15.27
CA THR A 156 -10.09 -4.06 14.03
C THR A 156 -10.10 -3.10 12.82
N THR A 157 -11.06 -2.13 12.80
CA THR A 157 -11.27 -1.14 11.74
C THR A 157 -10.07 -0.21 11.63
N ILE A 158 -9.47 0.19 12.76
CA ILE A 158 -8.25 1.01 12.84
C ILE A 158 -7.13 0.24 12.08
N GLY A 159 -7.03 -1.08 12.31
CA GLY A 159 -6.10 -1.97 11.63
C GLY A 159 -6.38 -2.05 10.14
N PHE A 160 -7.65 -2.34 9.75
CA PHE A 160 -8.05 -2.37 8.31
C PHE A 160 -7.73 -1.07 7.58
N ILE A 161 -7.95 0.09 8.24
CA ILE A 161 -7.61 1.38 7.66
C ILE A 161 -6.09 1.53 7.63
N ALA A 162 -5.41 1.53 8.80
CA ALA A 162 -3.94 1.73 8.89
C ALA A 162 -3.12 0.83 7.98
N PHE A 163 -3.45 -0.47 7.92
CA PHE A 163 -2.69 -1.43 7.11
C PHE A 163 -3.04 -1.37 5.61
N SER A 164 -4.18 -0.74 5.18
CA SER A 164 -4.49 -0.59 3.73
C SER A 164 -4.04 0.79 3.22
N GLN A 165 -4.00 1.79 4.13
CA GLN A 165 -3.63 3.17 3.84
C GLN A 165 -2.15 3.45 4.04
N ILE A 166 -1.49 2.74 4.96
CA ILE A 166 -0.07 2.97 5.28
C ILE A 166 0.75 1.70 5.00
N PRO A 167 1.14 1.45 3.72
CA PRO A 167 1.89 0.21 3.39
C PRO A 167 3.24 0.02 4.12
N GLU A 168 3.90 1.13 4.53
CA GLU A 168 5.14 1.09 5.31
C GLU A 168 4.90 0.48 6.70
N LEU A 169 3.68 0.67 7.27
CA LEU A 169 3.27 0.15 8.57
C LEU A 169 2.88 -1.33 8.39
N ALA A 170 2.10 -1.68 7.35
CA ALA A 170 1.63 -3.06 7.06
C ALA A 170 2.79 -4.10 7.07
N LYS A 171 3.90 -3.73 6.46
CA LYS A 171 5.17 -4.47 6.34
C LYS A 171 5.63 -4.89 7.75
N ARG A 172 5.43 -4.00 8.75
CA ARG A 172 5.80 -4.21 10.16
C ARG A 172 4.90 -5.21 10.92
N ILE A 173 3.81 -5.68 10.28
CA ILE A 173 2.88 -6.58 10.97
C ILE A 173 3.01 -8.01 10.45
N LYS A 174 3.36 -8.92 11.37
CA LYS A 174 3.52 -10.34 11.09
C LYS A 174 2.15 -10.96 10.77
N MET A 175 1.17 -10.73 11.66
CA MET A 175 -0.16 -11.28 11.55
C MET A 175 -1.13 -10.40 12.27
N PHE A 176 -2.35 -10.31 11.70
CA PHE A 176 -3.47 -9.51 12.20
C PHE A 176 -4.57 -10.44 12.70
N PHE A 177 -4.88 -10.35 13.99
CA PHE A 177 -5.93 -11.15 14.62
C PHE A 177 -7.10 -10.22 14.83
N ALA A 178 -8.17 -10.42 14.05
CA ALA A 178 -9.37 -9.58 14.08
C ALA A 178 -10.48 -10.31 14.87
N LEU A 179 -10.80 -9.79 16.08
CA LEU A 179 -11.81 -10.34 16.98
C LEU A 179 -13.02 -9.44 16.91
N GLY A 180 -14.11 -9.94 16.33
CA GLY A 180 -15.33 -9.18 16.10
C GLY A 180 -15.01 -8.07 15.12
N PRO A 181 -14.69 -8.41 13.85
CA PRO A 181 -14.25 -7.37 12.90
C PRO A 181 -15.32 -6.42 12.38
N VAL A 182 -14.98 -5.12 12.29
CA VAL A 182 -15.87 -4.07 11.81
C VAL A 182 -15.20 -3.24 10.68
N ALA A 183 -15.77 -3.24 9.48
CA ALA A 183 -15.33 -2.38 8.37
C ALA A 183 -16.61 -1.65 8.00
N SER A 184 -17.53 -2.32 7.30
CA SER A 184 -18.85 -1.80 6.99
C SER A 184 -19.78 -2.22 8.15
N VAL A 185 -20.69 -1.34 8.52
CA VAL A 185 -21.63 -1.52 9.63
C VAL A 185 -23.09 -1.28 9.12
N ALA A 186 -23.26 -1.50 7.80
CA ALA A 186 -24.47 -1.42 7.00
C ALA A 186 -25.65 -2.28 7.49
N PHE A 187 -25.39 -3.46 8.09
CA PHE A 187 -26.46 -4.37 8.51
C PHE A 187 -26.48 -4.68 9.99
N CYS A 188 -25.95 -3.80 10.81
CA CYS A 188 -25.95 -4.09 12.23
C CYS A 188 -27.28 -3.73 12.87
N THR A 189 -27.69 -4.50 13.90
CA THR A 189 -28.98 -4.34 14.58
C THR A 189 -28.83 -3.91 16.03
N SER A 190 -27.60 -3.52 16.39
CA SER A 190 -27.21 -3.03 17.68
C SER A 190 -27.89 -1.67 17.92
N PRO A 191 -28.13 -1.23 19.19
CA PRO A 191 -28.66 0.12 19.44
C PRO A 191 -27.84 1.26 18.82
N MET A 192 -26.64 0.97 18.28
CA MET A 192 -25.81 1.93 17.58
C MET A 192 -26.41 2.33 16.23
N ALA A 193 -27.04 1.40 15.51
CA ALA A 193 -27.72 1.73 14.25
C ALA A 193 -28.90 2.73 14.54
N LYS A 194 -29.44 2.71 15.78
CA LYS A 194 -30.53 3.57 16.27
C LYS A 194 -30.00 4.99 16.48
N LEU A 195 -28.89 5.13 17.21
CA LEU A 195 -28.21 6.42 17.40
C LEU A 195 -27.72 6.91 16.01
N GLY A 196 -27.14 6.00 15.23
CA GLY A 196 -26.62 6.23 13.90
C GLY A 196 -27.59 6.81 12.89
N ARG A 197 -28.82 6.30 12.86
CA ARG A 197 -29.82 6.78 11.93
C ARG A 197 -30.49 8.12 12.31
N LEU A 198 -29.97 8.81 13.35
CA LEU A 198 -30.46 10.15 13.70
C LEU A 198 -29.67 11.12 12.79
N PRO A 199 -30.24 12.27 12.34
CA PRO A 199 -29.43 13.21 11.52
C PRO A 199 -28.26 13.79 12.32
N ASP A 200 -27.10 14.02 11.66
CA ASP A 200 -25.86 14.53 12.26
C ASP A 200 -26.08 15.82 13.08
N HIS A 201 -26.96 16.72 12.60
CA HIS A 201 -27.23 17.96 13.33
C HIS A 201 -27.89 17.67 14.69
N LEU A 202 -28.70 16.60 14.78
CA LEU A 202 -29.39 16.20 15.99
C LEU A 202 -28.43 15.57 17.00
N ILE A 203 -27.48 14.74 16.54
CA ILE A 203 -26.47 14.14 17.41
C ILE A 203 -25.66 15.27 18.08
N LYS A 204 -25.20 16.25 17.25
CA LYS A 204 -24.47 17.45 17.67
C LYS A 204 -25.27 18.27 18.68
N ASP A 205 -26.57 18.42 18.45
CA ASP A 205 -27.50 19.17 19.31
C ASP A 205 -27.70 18.49 20.66
N LEU A 206 -27.82 17.15 20.66
CA LEU A 206 -28.00 16.40 21.89
C LEU A 206 -26.74 16.29 22.72
N PHE A 207 -25.56 16.09 22.10
CA PHE A 207 -24.34 15.79 22.84
C PHE A 207 -23.19 16.81 22.82
N GLY A 208 -23.30 17.87 22.01
CA GLY A 208 -22.25 18.87 21.91
C GLY A 208 -21.17 18.55 20.90
N ASP A 209 -20.01 19.24 20.99
CA ASP A 209 -18.89 19.10 20.06
C ASP A 209 -17.60 18.56 20.74
N LYS A 210 -17.71 18.07 21.99
CA LYS A 210 -16.56 17.59 22.76
C LYS A 210 -16.62 16.06 23.02
N GLU A 211 -16.59 15.60 24.30
CA GLU A 211 -16.66 14.18 24.66
C GLU A 211 -18.09 13.67 24.56
N PHE A 212 -18.26 12.42 24.10
CA PHE A 212 -19.58 11.80 24.01
C PHE A 212 -20.05 11.31 25.37
N LEU A 213 -20.88 12.13 26.07
CA LEU A 213 -21.37 11.82 27.41
C LEU A 213 -22.90 11.72 27.48
N PRO A 214 -23.51 10.60 27.01
CA PRO A 214 -24.98 10.50 27.07
C PRO A 214 -25.51 10.31 28.49
N GLN A 215 -26.63 11.01 28.80
CA GLN A 215 -27.25 10.92 30.12
C GLN A 215 -28.25 9.77 30.19
N SER A 216 -28.74 9.49 31.40
CA SER A 216 -29.67 8.40 31.75
C SER A 216 -30.89 8.27 30.83
N ALA A 217 -31.54 9.42 30.53
CA ALA A 217 -32.72 9.49 29.65
C ALA A 217 -32.43 9.00 28.23
N PHE A 218 -31.24 9.34 27.67
CA PHE A 218 -30.85 8.91 26.33
C PHE A 218 -30.62 7.41 26.23
N LEU A 219 -29.91 6.84 27.23
CA LEU A 219 -29.61 5.42 27.30
C LEU A 219 -30.88 4.58 27.52
N LYS A 220 -31.91 5.17 28.20
CA LYS A 220 -33.22 4.54 28.41
C LYS A 220 -33.91 4.43 27.04
N TRP A 221 -33.85 5.52 26.24
CA TRP A 221 -34.42 5.61 24.89
C TRP A 221 -33.70 4.66 23.93
N LEU A 222 -32.37 4.59 24.02
CA LEU A 222 -31.55 3.71 23.18
C LEU A 222 -31.84 2.24 23.54
N GLY A 223 -32.18 2.00 24.81
CA GLY A 223 -32.48 0.68 25.34
C GLY A 223 -33.89 0.19 25.09
N THR A 224 -34.84 1.11 24.74
CA THR A 224 -36.26 0.80 24.54
C THR A 224 -36.48 -0.48 23.73
N HIS A 225 -37.06 -1.48 24.42
CA HIS A 225 -37.40 -2.83 23.99
C HIS A 225 -36.42 -3.37 22.94
N VAL A 226 -35.21 -3.69 23.42
CA VAL A 226 -34.06 -4.24 22.70
C VAL A 226 -33.15 -4.98 23.70
N CYS A 227 -33.33 -4.67 24.99
CA CYS A 227 -32.57 -5.11 26.15
C CYS A 227 -33.62 -5.53 27.22
N THR A 228 -34.60 -6.42 26.83
CA THR A 228 -35.79 -6.83 27.63
C THR A 228 -35.90 -8.38 27.98
N HIS A 229 -35.07 -9.25 27.34
CA HIS A 229 -35.02 -10.70 27.58
C HIS A 229 -33.66 -11.01 28.20
N VAL A 230 -33.33 -10.22 29.23
CA VAL A 230 -32.09 -10.21 29.96
C VAL A 230 -32.35 -10.29 31.46
N ILE A 231 -31.54 -11.08 32.17
CA ILE A 231 -31.62 -11.24 33.62
C ILE A 231 -31.06 -10.02 34.34
N LEU A 232 -29.79 -9.64 34.05
CA LEU A 232 -29.12 -8.52 34.70
C LEU A 232 -29.90 -7.18 34.57
N LYS A 233 -30.10 -6.66 33.34
CA LYS A 233 -30.88 -5.44 33.05
C LYS A 233 -30.19 -4.14 33.49
N GLU A 234 -29.33 -4.20 34.53
CA GLU A 234 -28.53 -3.07 35.01
C GLU A 234 -27.49 -2.78 33.95
N LEU A 235 -27.14 -3.83 33.19
CA LEU A 235 -26.20 -3.84 32.08
C LEU A 235 -26.70 -2.98 30.92
N CYS A 236 -28.02 -2.79 30.85
CA CYS A 236 -28.69 -1.98 29.82
C CYS A 236 -28.45 -0.49 30.06
N GLY A 237 -28.08 -0.14 31.28
CA GLY A 237 -27.77 1.23 31.67
C GLY A 237 -26.37 1.62 31.23
N ASN A 238 -25.50 0.61 31.03
CA ASN A 238 -24.12 0.78 30.61
C ASN A 238 -24.03 0.95 29.10
N LEU A 239 -23.36 2.04 28.65
CA LEU A 239 -23.18 2.40 27.24
C LEU A 239 -22.46 1.32 26.42
N CYS A 240 -21.40 0.72 26.96
CA CYS A 240 -20.66 -0.33 26.28
C CYS A 240 -21.47 -1.59 26.08
N PHE A 241 -22.08 -2.12 27.14
CA PHE A 241 -22.94 -3.32 27.07
C PHE A 241 -24.13 -3.09 26.13
N LEU A 242 -24.72 -1.88 26.16
CA LEU A 242 -25.83 -1.46 25.31
C LEU A 242 -25.48 -1.48 23.83
N LEU A 243 -24.41 -0.77 23.41
CA LEU A 243 -24.02 -0.71 22.01
C LEU A 243 -23.44 -2.02 21.48
N CYS A 244 -22.69 -2.74 22.30
CA CYS A 244 -22.02 -3.97 21.86
C CYS A 244 -22.92 -5.20 21.93
N GLY A 245 -23.54 -5.43 23.07
CA GLY A 245 -24.36 -6.61 23.28
C GLY A 245 -23.56 -7.66 24.03
N PHE A 246 -24.26 -8.35 24.95
CA PHE A 246 -23.68 -9.32 25.84
C PHE A 246 -24.42 -10.66 25.81
N ASN A 247 -23.66 -11.76 25.84
CA ASN A 247 -24.20 -13.11 25.90
C ASN A 247 -24.19 -13.51 27.38
N GLU A 248 -25.38 -13.64 27.99
CA GLU A 248 -25.52 -13.98 29.40
C GLU A 248 -25.12 -15.43 29.73
N ARG A 249 -25.19 -16.35 28.73
CA ARG A 249 -24.77 -17.76 28.86
C ARG A 249 -23.26 -17.85 29.09
N ASN A 250 -22.52 -16.79 28.70
CA ASN A 250 -21.06 -16.82 28.69
C ASN A 250 -20.38 -15.67 29.44
N LEU A 251 -21.08 -15.00 30.35
CA LEU A 251 -20.47 -13.93 31.11
C LEU A 251 -20.39 -14.29 32.58
N ASN A 252 -19.37 -13.78 33.28
CA ASN A 252 -19.23 -13.97 34.72
C ASN A 252 -20.02 -12.83 35.35
N MET A 253 -21.27 -13.11 35.69
CA MET A 253 -22.22 -12.15 36.25
C MET A 253 -21.79 -11.60 37.62
N SER A 254 -20.83 -12.28 38.29
CA SER A 254 -20.23 -11.85 39.54
C SER A 254 -19.17 -10.73 39.29
N ARG A 255 -18.56 -10.69 38.07
CA ARG A 255 -17.54 -9.71 37.68
C ARG A 255 -18.09 -8.44 37.02
N VAL A 256 -19.41 -8.33 36.87
CA VAL A 256 -20.11 -7.21 36.23
C VAL A 256 -19.58 -5.83 36.69
N ASP A 257 -19.40 -5.60 38.01
CA ASP A 257 -18.92 -4.30 38.50
C ASP A 257 -17.52 -3.91 38.01
N VAL A 258 -16.67 -4.89 37.68
CA VAL A 258 -15.34 -4.63 37.12
C VAL A 258 -15.56 -4.11 35.69
N TYR A 259 -16.42 -4.78 34.92
CA TYR A 259 -16.72 -4.42 33.53
C TYR A 259 -17.43 -3.05 33.43
N THR A 260 -18.40 -2.82 34.34
CA THR A 260 -19.22 -1.62 34.47
C THR A 260 -18.40 -0.39 34.82
N THR A 261 -17.40 -0.52 35.72
CA THR A 261 -16.59 0.62 36.15
C THR A 261 -15.60 1.05 35.07
N HIS A 262 -14.90 0.09 34.45
CA HIS A 262 -13.89 0.36 33.43
C HIS A 262 -14.46 0.73 32.06
N SER A 263 -15.69 0.29 31.74
CA SER A 263 -16.34 0.60 30.47
C SER A 263 -17.69 1.30 30.69
N PRO A 264 -18.03 2.38 29.94
CA PRO A 264 -17.25 3.03 28.86
C PRO A 264 -16.00 3.76 29.35
N ALA A 265 -14.98 3.87 28.48
CA ALA A 265 -13.70 4.51 28.78
C ALA A 265 -13.49 5.84 28.08
N GLY A 266 -14.45 6.27 27.25
CA GLY A 266 -14.43 7.57 26.61
C GLY A 266 -14.08 7.64 25.14
N THR A 267 -14.79 8.52 24.40
CA THR A 267 -14.63 8.84 22.98
C THR A 267 -15.21 10.23 22.68
N SER A 268 -14.99 10.75 21.46
CA SER A 268 -15.49 12.04 21.02
C SER A 268 -16.88 11.93 20.39
N VAL A 269 -17.62 13.08 20.31
CA VAL A 269 -18.91 13.13 19.63
C VAL A 269 -18.66 12.87 18.12
N GLN A 270 -17.54 13.39 17.59
CA GLN A 270 -17.14 13.22 16.18
C GLN A 270 -16.94 11.75 15.83
N ASN A 271 -16.34 10.95 16.74
CA ASN A 271 -16.19 9.51 16.53
C ASN A 271 -17.55 8.82 16.39
N MET A 272 -18.55 9.26 17.19
CA MET A 272 -19.91 8.74 17.14
C MET A 272 -20.60 9.20 15.85
N LEU A 273 -20.30 10.45 15.42
CA LEU A 273 -20.79 11.03 14.15
C LEU A 273 -20.27 10.19 12.95
N HIS A 274 -18.99 9.76 13.02
CA HIS A 274 -18.38 8.93 11.98
C HIS A 274 -19.08 7.55 11.92
N TRP A 275 -19.36 6.95 13.10
CA TRP A 275 -20.08 5.68 13.15
C TRP A 275 -21.52 5.80 12.63
N SER A 276 -22.16 6.98 12.83
CA SER A 276 -23.51 7.26 12.30
C SER A 276 -23.47 7.34 10.79
N GLN A 277 -22.44 8.03 10.23
CA GLN A 277 -22.20 8.13 8.80
C GLN A 277 -21.93 6.75 8.19
N ALA A 278 -21.25 5.87 8.93
CA ALA A 278 -20.97 4.50 8.49
C ALA A 278 -22.28 3.66 8.33
N VAL A 279 -23.25 3.85 9.25
CA VAL A 279 -24.57 3.19 9.23
C VAL A 279 -25.39 3.81 8.07
N LYS A 280 -25.57 5.16 8.07
CA LYS A 280 -26.34 5.91 7.10
C LYS A 280 -25.89 5.75 5.65
N PHE A 281 -24.59 5.95 5.38
CA PHE A 281 -24.06 5.87 4.01
C PHE A 281 -23.74 4.47 3.54
N GLN A 282 -23.55 3.52 4.50
CA GLN A 282 -23.17 2.14 4.24
C GLN A 282 -21.86 2.07 3.43
N LYS A 283 -20.88 2.93 3.76
CA LYS A 283 -19.58 2.97 3.10
C LYS A 283 -18.44 2.97 4.10
N PHE A 284 -17.36 2.25 3.80
CA PHE A 284 -16.17 2.27 4.64
C PHE A 284 -15.29 3.45 4.10
N GLN A 285 -15.44 4.60 4.72
CA GLN A 285 -14.71 5.78 4.26
C GLN A 285 -14.27 6.68 5.37
N ALA A 286 -13.52 7.74 5.02
CA ALA A 286 -13.11 8.77 5.99
C ALA A 286 -14.36 9.61 6.39
N PHE A 287 -14.21 10.41 7.45
CA PHE A 287 -15.27 11.26 8.00
C PHE A 287 -15.75 12.35 7.03
N ASP A 288 -17.08 12.48 6.82
CA ASP A 288 -17.62 13.53 5.98
C ASP A 288 -17.84 14.77 6.87
N TRP A 289 -17.02 15.83 6.65
CA TRP A 289 -17.03 17.02 7.47
C TRP A 289 -18.24 17.93 7.24
N GLY A 290 -19.11 17.59 6.29
CA GLY A 290 -20.36 18.31 6.08
C GLY A 290 -20.47 19.22 4.87
N SER A 291 -19.34 19.56 4.24
CA SER A 291 -19.31 20.39 3.04
C SER A 291 -18.11 20.07 2.21
N SER A 292 -18.13 20.49 0.92
CA SER A 292 -17.02 20.34 -0.02
C SER A 292 -15.77 21.09 0.51
N ALA A 293 -15.98 22.32 1.02
CA ALA A 293 -14.95 23.20 1.56
C ALA A 293 -14.30 22.60 2.79
N LYS A 294 -15.12 22.16 3.78
CA LYS A 294 -14.63 21.48 4.98
C LYS A 294 -13.85 20.22 4.63
N ASN A 295 -14.40 19.37 3.77
CA ASN A 295 -13.67 18.19 3.31
C ASN A 295 -12.35 18.59 2.63
N TYR A 296 -12.34 19.56 1.73
CA TYR A 296 -11.13 20.02 1.06
C TYR A 296 -10.04 20.49 2.05
N PHE A 297 -10.44 21.17 3.14
CA PHE A 297 -9.59 21.61 4.24
C PHE A 297 -8.91 20.41 4.93
N HIS A 298 -9.47 19.19 4.78
CA HIS A 298 -8.96 18.01 5.47
C HIS A 298 -8.30 16.98 4.59
N TYR A 299 -8.84 16.76 3.39
CA TYR A 299 -8.44 15.70 2.47
C TYR A 299 -7.86 16.15 1.13
N GLN A 300 -7.94 17.46 0.83
CA GLN A 300 -7.50 18.08 -0.43
C GLN A 300 -8.38 17.60 -1.59
N GLN A 301 -9.65 17.28 -1.26
CA GLN A 301 -10.72 16.85 -2.14
C GLN A 301 -12.07 17.10 -1.46
N SER A 302 -13.13 17.27 -2.25
CA SER A 302 -14.47 17.62 -1.78
C SER A 302 -15.30 16.47 -1.14
N TYR A 303 -14.94 15.21 -1.38
CA TYR A 303 -15.62 14.01 -0.83
C TYR A 303 -14.61 13.21 -0.01
N PRO A 304 -14.99 12.53 1.11
CA PRO A 304 -13.97 11.79 1.89
C PRO A 304 -13.37 10.59 1.20
N PRO A 305 -12.05 10.33 1.39
CA PRO A 305 -11.44 9.13 0.77
C PRO A 305 -12.08 7.84 1.26
N THR A 306 -12.23 6.88 0.36
CA THR A 306 -12.83 5.59 0.72
C THR A 306 -11.73 4.65 1.09
N TYR A 307 -12.01 3.73 2.04
CA TYR A 307 -11.04 2.74 2.50
C TYR A 307 -11.35 1.38 1.86
N ASN A 308 -10.37 0.77 1.18
CA ASN A 308 -10.56 -0.53 0.53
C ASN A 308 -9.75 -1.62 1.23
N VAL A 309 -10.47 -2.57 1.85
CA VAL A 309 -9.96 -3.73 2.58
C VAL A 309 -9.11 -4.62 1.65
N LYS A 310 -9.39 -4.61 0.34
CA LYS A 310 -8.64 -5.34 -0.65
C LYS A 310 -7.17 -4.91 -0.72
N ASP A 311 -6.85 -3.67 -0.32
CA ASP A 311 -5.49 -3.14 -0.28
C ASP A 311 -4.69 -3.65 0.94
N MET A 312 -5.34 -4.32 1.90
CA MET A 312 -4.80 -4.86 3.15
C MET A 312 -4.18 -6.27 2.88
N LEU A 313 -2.81 -6.40 2.71
CA LEU A 313 -2.16 -7.68 2.35
C LEU A 313 -1.53 -8.44 3.52
N VAL A 314 -1.76 -7.93 4.73
CA VAL A 314 -1.29 -8.52 5.98
C VAL A 314 -1.98 -9.90 6.21
N PRO A 315 -1.26 -10.99 6.55
CA PRO A 315 -1.95 -12.27 6.87
C PRO A 315 -2.92 -12.10 8.03
N THR A 316 -4.22 -12.37 7.80
CA THR A 316 -5.28 -12.11 8.78
C THR A 316 -6.02 -13.37 9.23
N ALA A 317 -6.30 -13.45 10.54
CA ALA A 317 -7.08 -14.52 11.20
C ALA A 317 -8.30 -13.85 11.83
N VAL A 318 -9.52 -14.27 11.42
CA VAL A 318 -10.77 -13.61 11.84
C VAL A 318 -11.68 -14.49 12.67
N TRP A 319 -12.20 -13.94 13.79
CA TRP A 319 -13.19 -14.59 14.65
C TRP A 319 -14.40 -13.70 14.72
N SER A 320 -15.56 -14.27 14.44
CA SER A 320 -16.82 -13.54 14.51
C SER A 320 -17.83 -14.33 15.36
N GLY A 321 -18.89 -13.66 15.81
CA GLY A 321 -19.95 -14.27 16.60
C GLY A 321 -21.26 -14.27 15.83
N GLY A 322 -21.97 -15.40 15.86
CA GLY A 322 -23.25 -15.54 15.17
C GLY A 322 -24.33 -14.64 15.76
N HIS A 323 -24.20 -14.29 17.06
CA HIS A 323 -25.15 -13.41 17.74
C HIS A 323 -24.59 -12.01 17.98
N ASP A 324 -23.56 -11.61 17.19
CA ASP A 324 -22.92 -10.30 17.28
C ASP A 324 -23.75 -9.29 16.53
N TRP A 325 -24.28 -8.30 17.29
CA TRP A 325 -25.10 -7.14 16.89
C TRP A 325 -24.34 -6.16 16.00
N LEU A 326 -23.08 -5.81 16.39
CA LEU A 326 -22.19 -4.85 15.75
C LEU A 326 -21.43 -5.43 14.55
N ALA A 327 -20.60 -6.49 14.79
CA ALA A 327 -19.86 -7.19 13.74
C ALA A 327 -20.74 -8.39 13.37
N ASP A 328 -21.87 -8.05 12.75
CA ASP A 328 -22.92 -8.98 12.33
C ASP A 328 -22.47 -9.90 11.20
N VAL A 329 -23.14 -11.08 11.07
CA VAL A 329 -22.90 -12.13 10.09
C VAL A 329 -22.82 -11.62 8.67
N TYR A 330 -23.81 -10.79 8.25
CA TYR A 330 -23.90 -10.24 6.90
C TYR A 330 -22.70 -9.37 6.53
N ASP A 331 -22.32 -8.44 7.42
CA ASP A 331 -21.16 -7.55 7.25
C ASP A 331 -19.84 -8.33 7.33
N VAL A 332 -19.77 -9.36 8.20
CA VAL A 332 -18.57 -10.21 8.37
C VAL A 332 -18.33 -11.05 7.11
N ASN A 333 -19.40 -11.61 6.51
CA ASN A 333 -19.29 -12.42 5.30
C ASN A 333 -18.79 -11.58 4.12
N ILE A 334 -19.30 -10.34 3.98
CA ILE A 334 -18.83 -9.41 2.97
C ILE A 334 -17.33 -9.12 3.17
N LEU A 335 -16.93 -8.87 4.41
CA LEU A 335 -15.55 -8.55 4.77
C LEU A 335 -14.55 -9.67 4.43
N LEU A 336 -14.92 -10.95 4.71
CA LEU A 336 -14.07 -12.11 4.47
C LEU A 336 -13.73 -12.31 2.99
N THR A 337 -14.66 -11.92 2.08
CA THR A 337 -14.47 -12.01 0.63
C THR A 337 -13.50 -10.92 0.13
N GLN A 338 -13.19 -9.92 0.98
CA GLN A 338 -12.31 -8.80 0.66
C GLN A 338 -10.92 -8.89 1.27
N ILE A 339 -10.71 -9.85 2.19
CA ILE A 339 -9.40 -10.05 2.80
C ILE A 339 -8.58 -10.99 1.92
N THR A 340 -7.61 -10.42 1.20
CA THR A 340 -6.61 -11.13 0.38
C THR A 340 -5.77 -11.71 1.51
N ASN A 341 -5.31 -12.94 1.44
CA ASN A 341 -4.46 -13.50 2.52
C ASN A 341 -5.19 -13.69 3.87
N LEU A 342 -6.37 -14.31 3.82
CA LEU A 342 -7.14 -14.76 4.98
C LEU A 342 -6.57 -16.15 5.33
N VAL A 343 -5.88 -16.21 6.45
CA VAL A 343 -5.18 -17.39 6.95
C VAL A 343 -6.13 -18.36 7.69
N PHE A 344 -7.19 -17.81 8.30
CA PHE A 344 -8.14 -18.52 9.13
C PHE A 344 -9.36 -17.66 9.41
N HIS A 345 -10.54 -18.28 9.47
CA HIS A 345 -11.79 -17.63 9.87
C HIS A 345 -12.68 -18.62 10.64
N GLU A 346 -13.28 -18.14 11.73
CA GLU A 346 -14.18 -18.94 12.55
C GLU A 346 -15.34 -18.12 13.04
N SER A 347 -16.54 -18.68 12.93
CA SER A 347 -17.74 -18.06 13.44
C SER A 347 -18.21 -18.91 14.60
N ILE A 348 -18.26 -18.30 15.79
CA ILE A 348 -18.73 -18.99 17.01
C ILE A 348 -20.23 -18.62 17.10
N PRO A 349 -21.12 -19.59 16.78
CA PRO A 349 -22.56 -19.26 16.66
C PRO A 349 -23.26 -18.53 17.80
N GLU A 350 -22.94 -18.82 19.09
CA GLU A 350 -23.68 -18.15 20.16
C GLU A 350 -23.04 -16.84 20.66
N TRP A 351 -21.79 -16.58 20.24
CA TRP A 351 -21.04 -15.42 20.68
C TRP A 351 -21.62 -14.09 20.27
N GLU A 352 -21.52 -13.16 21.21
CA GLU A 352 -21.95 -11.78 21.14
C GLU A 352 -20.65 -10.96 21.08
N HIS A 353 -20.76 -9.66 20.81
CA HIS A 353 -19.62 -8.76 20.64
C HIS A 353 -18.60 -8.75 21.80
N LEU A 354 -19.09 -8.79 23.05
CA LEU A 354 -18.20 -8.73 24.20
C LEU A 354 -17.58 -10.09 24.58
N ASP A 355 -18.02 -11.20 23.96
CA ASP A 355 -17.50 -12.53 24.27
C ASP A 355 -16.01 -12.68 23.92
N PHE A 356 -15.54 -11.90 22.96
CA PHE A 356 -14.14 -11.91 22.54
C PHE A 356 -13.20 -11.46 23.64
N ILE A 357 -13.68 -10.58 24.54
CA ILE A 357 -12.84 -10.07 25.62
C ILE A 357 -13.25 -10.60 26.99
N TRP A 358 -14.54 -10.92 27.20
CA TRP A 358 -15.01 -11.36 28.52
C TRP A 358 -15.75 -12.70 28.56
N GLY A 359 -15.70 -13.46 27.47
CA GLY A 359 -16.34 -14.76 27.41
C GLY A 359 -15.67 -15.78 28.32
N LEU A 360 -16.48 -16.54 29.05
CA LEU A 360 -15.99 -17.57 29.97
C LEU A 360 -15.23 -18.65 29.21
N ASP A 361 -15.68 -18.97 27.98
CA ASP A 361 -15.09 -19.99 27.13
C ASP A 361 -14.03 -19.46 26.16
N ALA A 362 -13.81 -18.12 26.14
CA ALA A 362 -12.80 -17.48 25.27
C ALA A 362 -11.37 -18.08 25.43
N PRO A 363 -10.89 -18.47 26.64
CA PRO A 363 -9.55 -19.06 26.71
C PRO A 363 -9.37 -20.36 25.93
N TRP A 364 -10.37 -21.25 25.88
CA TRP A 364 -10.18 -22.47 25.11
C TRP A 364 -10.74 -22.38 23.68
N ARG A 365 -11.74 -21.54 23.34
CA ARG A 365 -12.18 -21.50 21.94
C ARG A 365 -11.53 -20.41 21.09
N LEU A 366 -10.86 -19.44 21.74
CA LEU A 366 -10.24 -18.32 21.04
C LEU A 366 -8.76 -18.17 21.39
N TYR A 367 -8.46 -17.83 22.68
CA TYR A 367 -7.11 -17.48 23.13
C TYR A 367 -6.06 -18.53 22.80
N ASN A 368 -6.43 -19.84 22.88
CA ASN A 368 -5.52 -20.94 22.54
C ASN A 368 -5.19 -20.99 21.07
N LYS A 369 -6.18 -20.68 20.19
CA LYS A 369 -5.98 -20.66 18.74
C LYS A 369 -5.04 -19.54 18.31
N ILE A 370 -5.13 -18.33 18.96
CA ILE A 370 -4.28 -17.16 18.72
C ILE A 370 -2.82 -17.52 19.04
N ILE A 371 -2.56 -18.10 20.23
CA ILE A 371 -1.23 -18.55 20.69
C ILE A 371 -0.61 -19.54 19.70
N ASN A 372 -1.41 -20.54 19.25
CA ASN A 372 -0.93 -21.58 18.34
C ASN A 372 -0.62 -21.07 16.92
N LEU A 373 -1.41 -20.08 16.41
CA LEU A 373 -1.15 -19.44 15.12
C LEU A 373 0.14 -18.58 15.18
N MET A 374 0.39 -17.94 16.33
CA MET A 374 1.61 -17.16 16.56
C MET A 374 2.84 -18.10 16.55
N ARG A 375 2.71 -19.29 17.15
CA ARG A 375 3.76 -20.31 17.25
C ARG A 375 4.02 -20.97 15.91
N LYS A 376 2.96 -21.14 15.08
CA LYS A 376 3.06 -21.68 13.73
C LYS A 376 3.84 -20.68 12.87
N TYR A 377 3.61 -19.35 13.08
CA TYR A 377 4.30 -18.29 12.38
C TYR A 377 5.75 -18.28 12.81
N GLN A 378 5.98 -18.45 14.12
CA GLN A 378 7.32 -18.49 14.70
C GLN A 378 8.14 -19.67 14.19
N ALA A 379 7.51 -20.86 14.08
CA ALA A 379 8.15 -22.07 13.56
C ALA A 379 8.63 -21.82 12.11
N SER A 380 7.78 -21.17 11.28
CA SER A 380 8.06 -20.80 9.89
C SER A 380 9.21 -19.79 9.84
N GLU A 381 9.19 -18.78 10.74
CA GLU A 381 10.21 -17.74 10.85
C GLU A 381 11.56 -18.37 11.21
N ASN A 382 11.58 -19.22 12.26
CA ASN A 382 12.76 -19.94 12.76
C ASN A 382 13.33 -20.92 11.73
N ASN A 383 12.51 -21.26 10.71
CA ASN A 383 12.85 -22.14 9.58
C ASN A 383 13.64 -21.35 8.48
N LEU A 384 13.71 -20.00 8.63
CA LEU A 384 14.40 -19.05 7.73
C LEU A 384 15.39 -18.20 8.54
N ASP B 9 12.16 0.58 -45.34
CA ASP B 9 11.04 0.53 -44.40
C ASP B 9 10.51 1.94 -44.08
N PRO B 10 9.21 2.21 -44.36
CA PRO B 10 8.66 3.56 -44.09
C PRO B 10 8.64 3.99 -42.61
N GLU B 11 8.59 3.04 -41.68
CA GLU B 11 8.53 3.30 -40.24
C GLU B 11 9.82 3.86 -39.64
N THR B 12 10.98 3.63 -40.29
CA THR B 12 12.32 4.07 -39.84
C THR B 12 12.39 5.56 -39.54
N ASN B 13 12.07 6.40 -40.53
CA ASN B 13 12.12 7.86 -40.42
C ASN B 13 10.71 8.48 -40.24
N MET B 14 9.87 7.84 -39.40
CA MET B 14 8.51 8.26 -39.08
C MET B 14 8.42 8.55 -37.58
N ASN B 15 7.48 9.42 -37.17
CA ASN B 15 7.24 9.64 -35.75
C ASN B 15 6.23 8.59 -35.27
N VAL B 16 6.11 8.39 -33.95
CA VAL B 16 5.26 7.36 -33.34
C VAL B 16 3.76 7.49 -33.74
N SER B 17 3.23 8.71 -33.94
CA SER B 17 1.84 8.91 -34.40
C SER B 17 1.68 8.46 -35.87
N GLU B 18 2.70 8.74 -36.70
CA GLU B 18 2.77 8.36 -38.12
C GLU B 18 2.81 6.84 -38.29
N ILE B 19 3.49 6.11 -37.36
CA ILE B 19 3.57 4.65 -37.36
C ILE B 19 2.18 4.03 -37.10
N ILE B 20 1.46 4.53 -36.05
CA ILE B 20 0.10 4.10 -35.69
C ILE B 20 -0.84 4.28 -36.89
N SER B 21 -0.83 5.50 -37.49
CA SER B 21 -1.65 5.86 -38.67
C SER B 21 -1.30 5.01 -39.88
N TYR B 22 -0.01 4.62 -40.02
CA TYR B 22 0.47 3.78 -41.13
C TYR B 22 -0.13 2.35 -41.08
N TRP B 23 -0.24 1.78 -39.87
CA TRP B 23 -0.79 0.43 -39.66
C TRP B 23 -2.33 0.37 -39.63
N GLY B 24 -2.97 1.50 -39.89
CA GLY B 24 -4.43 1.62 -39.96
C GLY B 24 -5.12 1.76 -38.62
N PHE B 25 -4.43 2.33 -37.64
CA PHE B 25 -5.01 2.52 -36.31
C PHE B 25 -5.31 4.01 -36.00
N PRO B 26 -6.35 4.31 -35.16
CA PRO B 26 -6.60 5.70 -34.76
C PRO B 26 -5.43 6.17 -33.89
N SER B 27 -4.89 7.37 -34.21
CA SER B 27 -3.71 7.95 -33.57
C SER B 27 -4.04 9.29 -32.94
N GLU B 28 -3.65 9.46 -31.67
CA GLU B 28 -3.85 10.67 -30.88
C GLU B 28 -2.63 10.92 -29.98
N GLU B 29 -2.22 12.20 -29.87
CA GLU B 29 -1.14 12.60 -28.98
C GLU B 29 -1.60 13.70 -28.04
N TYR B 30 -1.02 13.71 -26.82
CA TYR B 30 -1.39 14.65 -25.79
C TYR B 30 -0.15 15.16 -25.07
N LEU B 31 -0.13 16.46 -24.82
CA LEU B 31 0.94 17.09 -24.08
C LEU B 31 0.48 17.24 -22.63
N VAL B 32 1.30 16.72 -21.70
CA VAL B 32 1.02 16.74 -20.27
C VAL B 32 2.14 17.48 -19.56
N GLU B 33 1.76 18.47 -18.76
CA GLU B 33 2.72 19.24 -18.00
C GLU B 33 2.85 18.58 -16.64
N THR B 34 4.08 18.25 -16.23
CA THR B 34 4.32 17.67 -14.91
C THR B 34 4.23 18.78 -13.84
N GLU B 35 4.26 18.39 -12.57
CA GLU B 35 4.23 19.31 -11.44
C GLU B 35 5.50 20.18 -11.44
N ASP B 36 6.63 19.66 -12.01
CA ASP B 36 7.88 20.39 -12.09
C ASP B 36 8.17 21.01 -13.49
N GLY B 37 7.11 21.20 -14.28
CA GLY B 37 7.13 21.88 -15.57
C GLY B 37 7.61 21.20 -16.83
N TYR B 38 7.83 19.87 -16.80
CA TYR B 38 8.24 19.15 -18.00
C TYR B 38 7.02 18.87 -18.84
N ILE B 39 7.15 18.93 -20.18
CA ILE B 39 6.04 18.70 -21.10
C ILE B 39 6.22 17.35 -21.79
N LEU B 40 5.45 16.35 -21.30
CA LEU B 40 5.47 14.97 -21.80
C LEU B 40 4.51 14.74 -22.94
N CYS B 41 4.93 13.91 -23.92
CA CYS B 41 4.09 13.53 -25.05
C CYS B 41 3.53 12.14 -24.81
N LEU B 42 2.21 12.06 -24.75
CA LEU B 42 1.49 10.80 -24.57
C LEU B 42 0.95 10.38 -25.91
N ASN B 43 1.04 9.08 -26.22
CA ASN B 43 0.51 8.51 -27.45
C ASN B 43 -0.67 7.63 -27.09
N ARG B 44 -1.74 7.71 -27.88
CA ARG B 44 -2.95 6.97 -27.61
C ARG B 44 -3.47 6.23 -28.84
N ILE B 45 -3.85 4.96 -28.64
CA ILE B 45 -4.53 4.13 -29.64
C ILE B 45 -5.93 3.88 -29.05
N PRO B 46 -6.90 4.80 -29.30
CA PRO B 46 -8.23 4.69 -28.66
C PRO B 46 -9.01 3.40 -28.90
N HIS B 47 -8.88 2.80 -30.10
CA HIS B 47 -9.57 1.56 -30.46
C HIS B 47 -8.76 0.80 -31.51
N GLY B 48 -9.20 -0.43 -31.83
CA GLY B 48 -8.55 -1.29 -32.80
C GLY B 48 -8.82 -0.89 -34.24
N ARG B 49 -8.25 -1.64 -35.19
CA ARG B 49 -8.45 -1.34 -36.61
C ARG B 49 -9.78 -1.94 -37.11
N LYS B 50 -9.89 -3.28 -37.27
CA LYS B 50 -11.13 -3.92 -37.73
C LYS B 50 -12.06 -4.28 -36.58
N PRO B 57 -17.00 3.15 -22.70
CA PRO B 57 -15.58 3.40 -22.45
C PRO B 57 -14.78 2.11 -22.24
N LYS B 58 -13.72 1.92 -23.04
CA LYS B 58 -12.85 0.74 -22.99
C LYS B 58 -11.92 0.73 -21.76
N PRO B 59 -11.45 -0.46 -21.29
CA PRO B 59 -10.48 -0.48 -20.16
C PRO B 59 -9.16 0.10 -20.63
N VAL B 60 -8.52 0.91 -19.76
CA VAL B 60 -7.27 1.60 -20.09
C VAL B 60 -6.03 0.80 -19.69
N VAL B 61 -5.04 0.76 -20.62
CA VAL B 61 -3.72 0.18 -20.45
C VAL B 61 -2.69 1.29 -20.68
N PHE B 62 -1.76 1.45 -19.73
CA PHE B 62 -0.67 2.40 -19.84
C PHE B 62 0.64 1.63 -20.06
N LEU B 63 1.31 1.85 -21.22
CA LEU B 63 2.57 1.21 -21.61
C LEU B 63 3.72 2.18 -21.39
N GLN B 64 4.69 1.76 -20.56
CA GLN B 64 5.85 2.56 -20.23
C GLN B 64 7.13 1.89 -20.69
N HIS B 65 7.90 2.60 -21.53
CA HIS B 65 9.18 2.15 -22.07
C HIS B 65 10.30 2.15 -20.99
N GLY B 66 11.43 1.55 -21.34
CA GLY B 66 12.58 1.44 -20.46
C GLY B 66 13.72 2.37 -20.78
N LEU B 67 14.92 1.97 -20.38
CA LEU B 67 16.15 2.74 -20.51
C LEU B 67 16.46 3.16 -21.96
N LEU B 68 16.63 4.49 -22.16
CA LEU B 68 16.96 5.13 -23.43
C LEU B 68 15.97 4.81 -24.56
N ALA B 69 14.70 4.56 -24.23
CA ALA B 69 13.68 4.20 -25.21
C ALA B 69 12.58 5.24 -25.30
N ASP B 70 11.51 4.91 -26.02
CA ASP B 70 10.32 5.73 -26.18
C ASP B 70 9.12 4.88 -26.48
N SER B 71 7.98 5.57 -26.66
CA SER B 71 6.67 5.13 -27.06
C SER B 71 6.73 4.06 -28.16
N SER B 72 7.55 4.31 -29.21
CA SER B 72 7.79 3.50 -30.41
C SER B 72 8.03 2.00 -30.15
N ASN B 73 8.61 1.68 -29.00
CA ASN B 73 8.95 0.32 -28.55
C ASN B 73 7.78 -0.63 -28.56
N TRP B 74 6.55 -0.11 -28.43
CA TRP B 74 5.32 -0.91 -28.38
C TRP B 74 4.59 -0.99 -29.72
N VAL B 75 5.12 -0.32 -30.76
CA VAL B 75 4.50 -0.24 -32.09
C VAL B 75 5.52 -0.40 -33.25
N THR B 76 6.72 -0.97 -32.98
CA THR B 76 7.82 -1.11 -33.95
C THR B 76 7.89 -2.46 -34.72
N ASN B 77 7.08 -3.47 -34.34
CA ASN B 77 7.03 -4.72 -35.11
C ASN B 77 5.83 -4.56 -36.10
N LEU B 78 5.07 -5.64 -36.36
CA LEU B 78 3.91 -5.54 -37.26
C LEU B 78 2.63 -5.34 -36.44
N ALA B 79 1.49 -5.03 -37.12
CA ALA B 79 0.20 -4.80 -36.48
C ALA B 79 -0.28 -5.95 -35.58
N GLN B 80 0.04 -7.19 -35.96
CA GLN B 80 -0.38 -8.33 -35.18
C GLN B 80 0.74 -8.90 -34.28
N SER B 81 1.91 -8.20 -34.21
CA SER B 81 3.06 -8.63 -33.41
C SER B 81 3.65 -7.54 -32.45
N SER B 82 3.03 -6.34 -32.39
CA SER B 82 3.41 -5.24 -31.50
C SER B 82 2.37 -5.10 -30.38
N LEU B 83 2.80 -5.10 -29.10
CA LEU B 83 1.90 -5.02 -27.92
C LEU B 83 0.85 -3.90 -27.98
N GLY B 84 1.29 -2.69 -28.31
CA GLY B 84 0.44 -1.52 -28.43
C GLY B 84 -0.74 -1.74 -29.37
N PHE B 85 -0.47 -2.35 -30.52
CA PHE B 85 -1.46 -2.67 -31.53
C PHE B 85 -2.37 -3.84 -31.16
N ILE B 86 -1.82 -4.90 -30.52
CA ILE B 86 -2.63 -6.08 -30.19
C ILE B 86 -3.58 -5.76 -29.05
N LEU B 87 -3.17 -4.87 -28.10
CA LEU B 87 -4.02 -4.45 -27.00
C LEU B 87 -5.22 -3.65 -27.50
N ALA B 88 -5.00 -2.78 -28.52
CA ALA B 88 -6.06 -1.99 -29.16
C ALA B 88 -7.08 -2.93 -29.81
N ASP B 89 -6.60 -3.93 -30.57
CA ASP B 89 -7.43 -4.93 -31.24
C ASP B 89 -8.13 -5.87 -30.24
N ALA B 90 -7.59 -6.03 -29.02
CA ALA B 90 -8.18 -6.86 -27.94
C ALA B 90 -9.23 -6.09 -27.11
N GLY B 91 -9.54 -4.86 -27.52
CA GLY B 91 -10.54 -3.99 -26.90
C GLY B 91 -10.08 -3.08 -25.78
N PHE B 92 -8.80 -2.65 -25.79
CA PHE B 92 -8.26 -1.75 -24.78
C PHE B 92 -7.96 -0.34 -25.30
N ASP B 93 -8.16 0.68 -24.45
CA ASP B 93 -7.80 2.04 -24.78
C ASP B 93 -6.32 2.15 -24.39
N VAL B 94 -5.42 2.13 -25.41
CA VAL B 94 -3.96 2.11 -25.26
C VAL B 94 -3.33 3.49 -25.07
N TRP B 95 -2.64 3.67 -23.96
CA TRP B 95 -1.89 4.90 -23.71
C TRP B 95 -0.42 4.52 -23.54
N MET B 96 0.45 5.27 -24.20
CA MET B 96 1.89 5.07 -24.18
C MET B 96 2.57 6.34 -23.71
N GLY B 97 3.35 6.21 -22.65
CA GLY B 97 4.10 7.30 -22.05
C GLY B 97 5.48 7.53 -22.63
N ASN B 98 5.98 8.77 -22.48
CA ASN B 98 7.31 9.17 -22.93
C ASN B 98 8.02 9.91 -21.80
N SER B 99 9.06 9.27 -21.26
CA SER B 99 9.89 9.74 -20.15
C SER B 99 10.60 11.02 -20.48
N ARG B 100 10.69 11.92 -19.50
CA ARG B 100 11.36 13.20 -19.66
C ARG B 100 12.78 13.03 -20.20
N GLY B 101 13.15 13.87 -21.16
CA GLY B 101 14.49 13.84 -21.76
C GLY B 101 14.60 13.06 -23.04
N ASN B 102 13.57 12.28 -23.39
CA ASN B 102 13.58 11.51 -24.62
C ASN B 102 13.11 12.38 -25.80
N THR B 103 13.20 11.85 -27.03
CA THR B 103 12.84 12.54 -28.27
C THR B 103 11.56 13.39 -28.21
N TRP B 104 10.51 12.84 -27.61
CA TRP B 104 9.19 13.44 -27.58
C TRP B 104 8.87 14.24 -26.33
N SER B 105 9.66 14.09 -25.25
CA SER B 105 9.42 14.78 -24.00
C SER B 105 10.61 15.66 -23.59
N ARG B 106 11.23 16.38 -24.55
CA ARG B 106 12.37 17.24 -24.24
C ARG B 106 11.99 18.74 -24.32
N LYS B 107 10.81 19.06 -23.80
CA LYS B 107 10.30 20.42 -23.69
C LYS B 107 9.93 20.73 -22.25
N HIS B 108 10.09 21.99 -21.87
CA HIS B 108 9.81 22.46 -20.52
C HIS B 108 9.07 23.78 -20.60
N LYS B 109 8.23 24.05 -19.58
CA LYS B 109 7.47 25.29 -19.46
C LYS B 109 8.39 26.52 -19.42
N THR B 110 9.52 26.41 -18.70
CA THR B 110 10.47 27.50 -18.48
C THR B 110 11.86 27.22 -19.03
N LEU B 111 12.42 26.05 -18.70
CA LEU B 111 13.77 25.71 -19.08
C LEU B 111 13.96 25.37 -20.56
N SER B 112 15.16 25.67 -21.06
CA SER B 112 15.58 25.30 -22.41
C SER B 112 16.40 24.01 -22.25
N VAL B 113 16.45 23.20 -23.29
CA VAL B 113 17.20 21.95 -23.40
C VAL B 113 18.73 22.22 -23.37
N SER B 114 19.13 23.49 -23.46
CA SER B 114 20.53 23.95 -23.44
C SER B 114 21.02 24.24 -22.02
N GLN B 115 20.09 24.29 -21.05
CA GLN B 115 20.39 24.54 -19.64
C GLN B 115 20.62 23.21 -18.89
N ASP B 116 21.66 23.16 -18.02
CA ASP B 116 22.03 21.98 -17.22
C ASP B 116 20.89 21.54 -16.28
N GLU B 117 20.14 22.52 -15.69
CA GLU B 117 18.99 22.32 -14.79
C GLU B 117 17.94 21.43 -15.44
N PHE B 118 17.77 21.55 -16.78
CA PHE B 118 16.82 20.77 -17.56
C PHE B 118 17.11 19.28 -17.42
N TRP B 119 18.40 18.92 -17.42
CA TRP B 119 18.87 17.55 -17.38
C TRP B 119 19.16 16.99 -15.97
N ALA B 120 18.94 17.81 -14.92
CA ALA B 120 19.15 17.45 -13.51
C ALA B 120 18.01 16.56 -12.97
N PHE B 121 17.81 15.40 -13.63
CA PHE B 121 16.77 14.40 -13.29
C PHE B 121 17.32 13.01 -13.53
N SER B 122 16.66 12.00 -12.97
CA SER B 122 16.95 10.57 -13.15
C SER B 122 15.59 9.85 -13.06
N TYR B 123 15.57 8.52 -12.92
CA TYR B 123 14.32 7.77 -12.85
C TYR B 123 13.48 8.12 -11.61
N ASP B 124 14.08 8.77 -10.60
CA ASP B 124 13.41 9.26 -9.38
C ASP B 124 12.26 10.22 -9.73
N GLU B 125 12.55 11.20 -10.62
CA GLU B 125 11.62 12.21 -11.09
C GLU B 125 10.61 11.64 -12.07
N MET B 126 11.01 10.60 -12.82
CA MET B 126 10.12 9.91 -13.76
C MET B 126 9.00 9.21 -12.99
N ALA B 127 9.38 8.49 -11.94
CA ALA B 127 8.46 7.84 -11.03
C ALA B 127 7.61 8.86 -10.26
N LYS B 128 8.25 9.86 -9.61
CA LYS B 128 7.62 10.87 -8.76
C LYS B 128 6.76 11.92 -9.47
N TYR B 129 7.14 12.33 -10.69
CA TYR B 129 6.44 13.37 -11.44
C TYR B 129 5.83 12.95 -12.74
N ASP B 130 6.57 12.21 -13.59
CA ASP B 130 6.06 11.77 -14.89
C ASP B 130 4.85 10.85 -14.76
N LEU B 131 4.94 9.77 -13.95
CA LEU B 131 3.84 8.82 -13.81
C LEU B 131 2.56 9.41 -13.21
N PRO B 132 2.59 10.09 -12.02
CA PRO B 132 1.33 10.68 -11.49
C PRO B 132 0.67 11.63 -12.47
N ALA B 133 1.45 12.53 -13.12
CA ALA B 133 0.93 13.48 -14.10
C ALA B 133 0.28 12.77 -15.30
N SER B 134 0.98 11.76 -15.85
CA SER B 134 0.52 10.97 -17.00
C SER B 134 -0.75 10.19 -16.71
N ILE B 135 -0.77 9.42 -15.59
CA ILE B 135 -1.91 8.61 -15.17
C ILE B 135 -3.11 9.48 -14.81
N ASN B 136 -2.90 10.54 -13.98
CA ASN B 136 -3.99 11.44 -13.59
C ASN B 136 -4.61 12.19 -14.78
N PHE B 137 -3.81 12.46 -15.85
CA PHE B 137 -4.29 13.08 -17.09
C PHE B 137 -5.26 12.13 -17.78
N ILE B 138 -4.88 10.84 -17.89
CA ILE B 138 -5.67 9.78 -18.52
C ILE B 138 -6.98 9.57 -17.81
N LEU B 139 -6.93 9.36 -16.49
CA LEU B 139 -8.13 9.13 -15.68
C LEU B 139 -9.15 10.25 -15.77
N ASN B 140 -8.67 11.52 -15.93
CA ASN B 140 -9.49 12.72 -16.10
C ASN B 140 -10.12 12.70 -17.49
N LYS B 141 -9.31 12.39 -18.52
CA LYS B 141 -9.73 12.34 -19.93
C LYS B 141 -10.77 11.25 -20.18
N THR B 142 -10.54 10.05 -19.63
CA THR B 142 -11.39 8.88 -19.84
C THR B 142 -12.60 8.81 -18.91
N GLY B 143 -12.43 9.24 -17.66
CA GLY B 143 -13.48 9.16 -16.66
C GLY B 143 -13.35 7.89 -15.83
N GLN B 144 -12.39 7.02 -16.23
CA GLN B 144 -12.10 5.76 -15.57
C GLN B 144 -11.44 6.02 -14.22
N GLU B 145 -11.59 5.08 -13.26
CA GLU B 145 -11.01 5.17 -11.91
C GLU B 145 -9.65 4.50 -11.80
N GLN B 146 -9.40 3.50 -12.67
CA GLN B 146 -8.15 2.73 -12.66
C GLN B 146 -7.58 2.46 -14.06
N VAL B 147 -6.31 2.00 -14.11
CA VAL B 147 -5.58 1.63 -15.33
C VAL B 147 -4.81 0.32 -15.09
N TYR B 148 -4.47 -0.38 -16.17
CA TYR B 148 -3.54 -1.51 -16.11
C TYR B 148 -2.24 -0.84 -16.48
N TYR B 149 -1.15 -1.22 -15.81
CA TYR B 149 0.15 -0.64 -16.07
C TYR B 149 1.10 -1.71 -16.60
N VAL B 150 1.76 -1.42 -17.72
CA VAL B 150 2.74 -2.33 -18.33
C VAL B 150 4.05 -1.56 -18.47
N GLY B 151 5.10 -2.10 -17.90
CA GLY B 151 6.39 -1.46 -17.97
C GLY B 151 7.44 -2.43 -18.45
N HIS B 152 8.42 -1.92 -19.18
CA HIS B 152 9.56 -2.70 -19.63
C HIS B 152 10.80 -2.03 -19.12
N SER B 153 11.76 -2.81 -18.60
CA SER B 153 13.07 -2.33 -18.17
C SER B 153 12.92 -1.22 -17.12
N GLN B 154 13.40 0.01 -17.44
CA GLN B 154 13.31 1.17 -16.59
C GLN B 154 11.84 1.60 -16.30
N GLY B 155 10.90 1.12 -17.12
CA GLY B 155 9.47 1.35 -16.95
C GLY B 155 8.94 0.62 -15.74
N THR B 156 9.57 -0.53 -15.42
CA THR B 156 9.21 -1.32 -14.25
C THR B 156 9.75 -0.65 -13.00
N THR B 157 11.00 -0.14 -13.05
CA THR B 157 11.65 0.50 -11.90
C THR B 157 10.84 1.75 -11.50
N ILE B 158 10.43 2.55 -12.50
CA ILE B 158 9.58 3.74 -12.39
C ILE B 158 8.21 3.37 -11.72
N GLY B 159 7.69 2.18 -12.04
CA GLY B 159 6.50 1.62 -11.41
C GLY B 159 6.76 1.19 -9.98
N PHE B 160 7.87 0.45 -9.73
CA PHE B 160 8.25 0.03 -8.37
C PHE B 160 8.43 1.22 -7.44
N ILE B 161 9.07 2.31 -7.93
CA ILE B 161 9.27 3.52 -7.14
C ILE B 161 7.93 4.20 -6.93
N ALA B 162 7.22 4.58 -8.02
CA ALA B 162 5.93 5.28 -7.92
C ALA B 162 4.87 4.58 -7.10
N PHE B 163 4.68 3.28 -7.29
CA PHE B 163 3.63 2.54 -6.58
C PHE B 163 4.01 2.18 -5.15
N SER B 164 5.28 2.26 -4.78
CA SER B 164 5.65 1.96 -3.40
C SER B 164 5.75 3.23 -2.59
N GLN B 165 6.13 4.37 -3.25
CA GLN B 165 6.32 5.69 -2.68
C GLN B 165 5.07 6.56 -2.69
N ILE B 166 4.14 6.34 -3.66
CA ILE B 166 2.90 7.15 -3.79
C ILE B 166 1.68 6.23 -3.66
N PRO B 167 1.25 5.91 -2.41
CA PRO B 167 0.13 4.96 -2.23
C PRO B 167 -1.21 5.38 -2.85
N GLU B 168 -1.44 6.71 -3.01
CA GLU B 168 -2.63 7.26 -3.68
C GLU B 168 -2.66 6.90 -5.17
N LEU B 169 -1.47 6.76 -5.81
CA LEU B 169 -1.32 6.38 -7.22
C LEU B 169 -1.50 4.89 -7.33
N ALA B 170 -0.88 4.11 -6.40
CA ALA B 170 -1.01 2.66 -6.33
C ALA B 170 -2.50 2.22 -6.40
N LYS B 171 -3.41 2.92 -5.66
CA LYS B 171 -4.88 2.67 -5.64
C LYS B 171 -5.49 2.69 -7.06
N ARG B 172 -4.89 3.45 -7.96
CA ARG B 172 -5.34 3.64 -9.33
C ARG B 172 -4.90 2.55 -10.30
N ILE B 173 -4.08 1.59 -9.84
CA ILE B 173 -3.57 0.56 -10.73
C ILE B 173 -4.24 -0.78 -10.43
N LYS B 174 -4.95 -1.34 -11.45
CA LYS B 174 -5.62 -2.64 -11.39
C LYS B 174 -4.59 -3.74 -11.27
N MET B 175 -3.59 -3.72 -12.17
CA MET B 175 -2.55 -4.72 -12.24
C MET B 175 -1.32 -4.15 -12.90
N PHE B 176 -0.15 -4.57 -12.39
CA PHE B 176 1.18 -4.16 -12.85
C PHE B 176 1.85 -5.32 -13.57
N PHE B 177 2.14 -5.14 -14.86
CA PHE B 177 2.81 -6.15 -15.68
C PHE B 177 4.25 -5.69 -15.86
N ALA B 178 5.18 -6.39 -15.19
CA ALA B 178 6.60 -6.07 -15.21
C ALA B 178 7.35 -7.01 -16.17
N LEU B 179 7.79 -6.45 -17.32
CA LEU B 179 8.51 -7.18 -18.39
C LEU B 179 9.98 -6.80 -18.27
N GLY B 180 10.81 -7.77 -17.87
CA GLY B 180 12.23 -7.57 -17.62
C GLY B 180 12.37 -6.61 -16.47
N PRO B 181 11.97 -7.03 -15.25
CA PRO B 181 11.97 -6.07 -14.12
C PRO B 181 13.33 -5.73 -13.55
N VAL B 182 13.51 -4.42 -13.25
CA VAL B 182 14.76 -3.91 -12.70
C VAL B 182 14.47 -3.14 -11.41
N ALA B 183 15.03 -3.60 -10.28
CA ALA B 183 14.96 -2.87 -9.02
C ALA B 183 16.43 -2.74 -8.64
N SER B 184 17.04 -3.82 -8.14
CA SER B 184 18.47 -3.88 -7.85
C SER B 184 19.15 -4.36 -9.13
N VAL B 185 20.35 -3.82 -9.40
CA VAL B 185 21.12 -4.13 -10.59
C VAL B 185 22.57 -4.56 -10.17
N ALA B 186 22.66 -5.06 -8.92
CA ALA B 186 23.85 -5.58 -8.22
C ALA B 186 24.61 -6.71 -8.95
N PHE B 187 23.90 -7.57 -9.70
CA PHE B 187 24.53 -8.73 -10.34
C PHE B 187 24.39 -8.77 -11.85
N CYS B 188 24.22 -7.61 -12.47
CA CYS B 188 24.09 -7.63 -13.91
C CYS B 188 25.46 -7.66 -14.59
N THR B 189 25.52 -8.32 -15.76
CA THR B 189 26.77 -8.53 -16.51
C THR B 189 26.76 -7.83 -17.87
N SER B 190 25.76 -6.96 -18.06
CA SER B 190 25.56 -6.13 -19.22
C SER B 190 26.71 -5.11 -19.29
N PRO B 191 27.07 -4.56 -20.48
CA PRO B 191 28.09 -3.49 -20.55
C PRO B 191 27.79 -2.26 -19.66
N MET B 192 26.57 -2.18 -19.08
CA MET B 192 26.20 -1.13 -18.15
C MET B 192 26.93 -1.24 -16.81
N ALA B 193 27.19 -2.47 -16.32
CA ALA B 193 27.97 -2.65 -15.09
C ALA B 193 29.43 -2.15 -15.27
N LYS B 194 29.98 -2.28 -16.50
CA LYS B 194 31.32 -1.78 -16.86
C LYS B 194 31.31 -0.21 -16.79
N LEU B 195 30.28 0.43 -17.38
CA LEU B 195 30.09 1.90 -17.38
C LEU B 195 29.85 2.37 -15.94
N GLY B 196 29.00 1.62 -15.24
CA GLY B 196 28.60 1.82 -13.86
C GLY B 196 29.72 1.79 -12.85
N ARG B 197 30.69 0.88 -13.00
CA ARG B 197 31.81 0.77 -12.06
C ARG B 197 32.91 1.83 -12.25
N LEU B 198 32.68 2.83 -13.13
CA LEU B 198 33.63 3.93 -13.28
C LEU B 198 33.26 4.95 -12.17
N PRO B 199 34.22 5.68 -11.55
CA PRO B 199 33.83 6.68 -10.53
C PRO B 199 32.96 7.80 -11.13
N ASP B 200 31.99 8.31 -10.36
CA ASP B 200 31.03 9.37 -10.75
C ASP B 200 31.73 10.61 -11.33
N HIS B 201 32.90 11.00 -10.80
CA HIS B 201 33.61 12.15 -11.33
C HIS B 201 34.09 11.92 -12.76
N LEU B 202 34.43 10.65 -13.10
CA LEU B 202 34.89 10.25 -14.42
C LEU B 202 33.75 10.24 -15.44
N ILE B 203 32.56 9.77 -15.03
CA ILE B 203 31.38 9.75 -15.91
C ILE B 203 31.06 11.20 -16.30
N LYS B 204 31.01 12.10 -15.29
CA LYS B 204 30.77 13.54 -15.44
C LYS B 204 31.81 14.18 -16.38
N ASP B 205 33.09 13.81 -16.24
CA ASP B 205 34.20 14.29 -17.04
C ASP B 205 34.12 13.84 -18.49
N LEU B 206 33.73 12.58 -18.73
CA LEU B 206 33.57 12.03 -20.07
C LEU B 206 32.33 12.57 -20.80
N PHE B 207 31.18 12.71 -20.09
CA PHE B 207 29.90 13.03 -20.74
C PHE B 207 29.26 14.41 -20.45
N GLY B 208 29.78 15.18 -19.51
CA GLY B 208 29.19 16.46 -19.14
C GLY B 208 28.05 16.37 -18.12
N ASP B 209 27.23 17.43 -18.04
CA ASP B 209 26.12 17.54 -17.09
C ASP B 209 24.74 17.66 -17.78
N LYS B 210 24.68 17.41 -19.11
CA LYS B 210 23.44 17.56 -19.87
C LYS B 210 22.87 16.22 -20.38
N GLU B 211 22.77 16.03 -21.71
CA GLU B 211 22.24 14.80 -22.31
C GLU B 211 23.36 13.77 -22.46
N PHE B 212 23.05 12.48 -22.18
CA PHE B 212 24.01 11.40 -22.30
C PHE B 212 24.23 11.02 -23.77
N LEU B 213 25.28 11.58 -24.39
CA LEU B 213 25.59 11.35 -25.79
C LEU B 213 27.00 10.74 -25.97
N PRO B 214 27.17 9.41 -25.75
CA PRO B 214 28.50 8.80 -25.89
C PRO B 214 28.96 8.73 -27.34
N GLN B 215 30.25 9.01 -27.57
CA GLN B 215 30.84 8.98 -28.90
C GLN B 215 31.30 7.57 -29.29
N SER B 216 31.67 7.39 -30.56
CA SER B 216 32.10 6.15 -31.19
C SER B 216 33.16 5.37 -30.39
N ALA B 217 34.21 6.08 -29.90
CA ALA B 217 35.31 5.52 -29.13
C ALA B 217 34.83 4.89 -27.82
N PHE B 218 33.87 5.54 -27.13
CA PHE B 218 33.31 5.02 -25.87
C PHE B 218 32.52 3.72 -26.04
N LEU B 219 31.67 3.68 -27.10
CA LEU B 219 30.85 2.53 -27.43
C LEU B 219 31.69 1.34 -27.88
N LYS B 220 32.88 1.62 -28.50
CA LYS B 220 33.87 0.61 -28.91
C LYS B 220 34.45 -0.03 -27.65
N TRP B 221 34.82 0.80 -26.64
CA TRP B 221 35.35 0.40 -25.34
C TRP B 221 34.30 -0.39 -24.54
N LEU B 222 33.04 0.02 -24.64
CA LEU B 222 31.90 -0.59 -23.94
C LEU B 222 31.60 -2.04 -24.38
N GLY B 223 31.70 -2.31 -25.67
CA GLY B 223 31.47 -3.66 -26.20
C GLY B 223 32.75 -4.37 -26.59
N THR B 224 33.77 -4.32 -25.71
CA THR B 224 35.13 -4.85 -25.89
C THR B 224 35.08 -6.38 -26.09
N HIS B 225 34.59 -7.14 -25.10
CA HIS B 225 34.54 -8.59 -25.25
C HIS B 225 33.14 -9.08 -25.03
N VAL B 226 32.27 -8.73 -26.00
CA VAL B 226 30.85 -9.04 -26.02
C VAL B 226 30.26 -9.00 -27.45
N CYS B 227 31.09 -8.65 -28.45
CA CYS B 227 30.66 -8.54 -29.85
C CYS B 227 31.30 -9.56 -30.83
N THR B 228 31.63 -10.74 -30.31
CA THR B 228 32.20 -11.86 -31.09
C THR B 228 31.10 -12.93 -31.30
N HIS B 229 29.85 -12.58 -30.92
CA HIS B 229 28.67 -13.43 -30.99
C HIS B 229 27.51 -12.68 -31.70
N VAL B 230 27.87 -11.59 -32.39
CA VAL B 230 26.96 -10.70 -33.12
C VAL B 230 27.15 -10.87 -34.63
N ILE B 231 26.05 -11.23 -35.33
CA ILE B 231 25.99 -11.46 -36.77
C ILE B 231 25.98 -10.13 -37.52
N LEU B 232 25.09 -9.19 -37.10
CA LEU B 232 24.93 -7.88 -37.71
C LEU B 232 26.11 -6.93 -37.51
N LYS B 233 26.81 -7.03 -36.35
CA LYS B 233 28.00 -6.28 -35.87
C LYS B 233 27.73 -4.76 -35.68
N GLU B 234 26.86 -4.12 -36.50
CA GLU B 234 26.49 -2.71 -36.34
C GLU B 234 25.48 -2.51 -35.18
N LEU B 235 24.94 -3.62 -34.65
CA LEU B 235 24.03 -3.70 -33.50
C LEU B 235 24.79 -3.36 -32.23
N CYS B 236 26.11 -3.63 -32.22
CA CYS B 236 27.06 -3.34 -31.15
C CYS B 236 27.41 -1.86 -31.07
N GLY B 237 27.18 -1.14 -32.18
CA GLY B 237 27.42 0.29 -32.29
C GLY B 237 26.28 1.08 -31.65
N ASN B 238 25.10 0.45 -31.56
CA ASN B 238 23.89 0.99 -30.98
C ASN B 238 23.90 0.87 -29.47
N LEU B 239 23.73 2.01 -28.79
CA LEU B 239 23.72 2.14 -27.32
C LEU B 239 22.64 1.27 -26.64
N CYS B 240 21.41 1.22 -27.20
CA CYS B 240 20.34 0.40 -26.64
C CYS B 240 20.63 -1.08 -26.70
N PHE B 241 20.98 -1.60 -27.89
CA PHE B 241 21.31 -3.01 -28.08
C PHE B 241 22.51 -3.41 -27.22
N LEU B 242 23.51 -2.51 -27.10
CA LEU B 242 24.74 -2.70 -26.31
C LEU B 242 24.43 -2.88 -24.82
N LEU B 243 23.73 -1.91 -24.19
CA LEU B 243 23.42 -1.98 -22.77
C LEU B 243 22.39 -3.05 -22.41
N CYS B 244 21.39 -3.27 -23.27
CA CYS B 244 20.32 -4.23 -23.00
C CYS B 244 20.68 -5.68 -23.33
N GLY B 245 21.14 -5.91 -24.54
CA GLY B 245 21.44 -7.25 -24.99
C GLY B 245 20.31 -7.78 -25.83
N PHE B 246 20.68 -8.47 -26.90
CA PHE B 246 19.75 -8.99 -27.90
C PHE B 246 19.94 -10.47 -28.16
N ASN B 247 18.81 -11.18 -28.34
CA ASN B 247 18.78 -12.57 -28.70
C ASN B 247 18.61 -12.55 -30.22
N GLU B 248 19.72 -12.75 -30.93
CA GLU B 248 19.81 -12.78 -32.40
C GLU B 248 18.75 -13.72 -33.01
N ARG B 249 18.70 -14.96 -32.48
CA ARG B 249 17.82 -16.06 -32.86
C ARG B 249 16.33 -15.68 -32.77
N ASN B 250 15.98 -14.62 -32.00
CA ASN B 250 14.59 -14.23 -31.80
C ASN B 250 14.27 -12.82 -32.30
N LEU B 251 15.09 -12.31 -33.21
CA LEU B 251 14.89 -10.97 -33.73
C LEU B 251 14.64 -11.01 -35.22
N ASN B 252 13.86 -10.03 -35.73
CA ASN B 252 13.63 -9.90 -37.16
C ASN B 252 14.78 -9.02 -37.66
N MET B 253 15.82 -9.69 -38.18
CA MET B 253 17.06 -9.06 -38.66
C MET B 253 16.83 -8.13 -39.87
N SER B 254 15.67 -8.26 -40.53
CA SER B 254 15.26 -7.41 -41.64
C SER B 254 14.71 -6.05 -41.11
N ARG B 255 14.20 -6.02 -39.86
CA ARG B 255 13.62 -4.82 -39.22
C ARG B 255 14.64 -3.96 -38.51
N VAL B 256 15.90 -4.43 -38.34
CA VAL B 256 17.02 -3.78 -37.62
C VAL B 256 17.06 -2.25 -37.84
N ASP B 257 16.91 -1.80 -39.10
CA ASP B 257 16.89 -0.39 -39.53
C ASP B 257 15.82 0.43 -38.81
N VAL B 258 14.65 -0.17 -38.51
CA VAL B 258 13.58 0.48 -37.75
C VAL B 258 14.07 0.64 -36.30
N TYR B 259 14.52 -0.47 -35.66
CA TYR B 259 14.99 -0.55 -34.28
C TYR B 259 16.16 0.41 -33.96
N THR B 260 17.17 0.44 -34.84
CA THR B 260 18.39 1.26 -34.82
C THR B 260 18.09 2.77 -34.90
N THR B 261 17.11 3.18 -35.73
CA THR B 261 16.77 4.59 -35.92
C THR B 261 16.04 5.17 -34.71
N HIS B 262 15.05 4.44 -34.19
CA HIS B 262 14.25 4.89 -33.05
C HIS B 262 14.95 4.76 -31.68
N SER B 263 15.92 3.84 -31.55
CA SER B 263 16.66 3.63 -30.30
C SER B 263 18.16 3.81 -30.51
N PRO B 264 18.90 4.52 -29.61
CA PRO B 264 18.43 5.18 -28.36
C PRO B 264 17.55 6.41 -28.62
N ALA B 265 16.66 6.72 -27.66
CA ALA B 265 15.72 7.82 -27.75
C ALA B 265 16.01 8.98 -26.80
N GLY B 266 17.07 8.86 -26.02
CA GLY B 266 17.55 9.94 -25.15
C GLY B 266 17.28 9.85 -23.67
N THR B 267 18.29 10.26 -22.87
CA THR B 267 18.29 10.35 -21.40
C THR B 267 19.38 11.34 -20.92
N SER B 268 19.39 11.64 -19.62
CA SER B 268 20.35 12.56 -19.01
C SER B 268 21.59 11.84 -18.52
N VAL B 269 22.70 12.59 -18.30
CA VAL B 269 23.92 12.04 -17.70
C VAL B 269 23.60 11.63 -16.25
N GLN B 270 22.76 12.41 -15.54
CA GLN B 270 22.34 12.13 -14.16
C GLN B 270 21.63 10.81 -14.06
N ASN B 271 20.78 10.47 -15.05
CA ASN B 271 20.09 9.16 -15.07
C ASN B 271 21.09 8.01 -15.16
N MET B 272 22.16 8.19 -15.95
CA MET B 272 23.24 7.21 -16.10
C MET B 272 24.08 7.14 -14.83
N LEU B 273 24.28 8.31 -14.15
CA LEU B 273 24.97 8.42 -12.85
C LEU B 273 24.19 7.61 -11.80
N HIS B 274 22.83 7.69 -11.82
CA HIS B 274 21.96 6.95 -10.91
C HIS B 274 22.11 5.44 -11.14
N TRP B 275 22.12 5.01 -12.41
CA TRP B 275 22.33 3.60 -12.75
C TRP B 275 23.73 3.10 -12.34
N SER B 276 24.75 3.97 -12.37
CA SER B 276 26.11 3.64 -11.92
C SER B 276 26.12 3.45 -10.41
N GLN B 277 25.42 4.36 -9.67
CA GLN B 277 25.25 4.27 -8.23
C GLN B 277 24.51 2.98 -7.84
N ALA B 278 23.55 2.55 -8.67
CA ALA B 278 22.79 1.32 -8.45
C ALA B 278 23.71 0.06 -8.54
N VAL B 279 24.67 0.06 -9.49
CA VAL B 279 25.65 -1.02 -9.68
C VAL B 279 26.68 -0.99 -8.50
N LYS B 280 27.31 0.19 -8.28
CA LYS B 280 28.31 0.40 -7.25
C LYS B 280 27.85 0.15 -5.83
N PHE B 281 26.68 0.75 -5.43
CA PHE B 281 26.17 0.62 -4.06
C PHE B 281 25.35 -0.62 -3.83
N GLN B 282 24.85 -1.25 -4.92
CA GLN B 282 24.00 -2.43 -4.87
C GLN B 282 22.75 -2.22 -4.00
N LYS B 283 22.13 -1.05 -4.11
CA LYS B 283 20.93 -0.74 -3.32
C LYS B 283 19.86 -0.11 -4.22
N PHE B 284 18.58 -0.42 -3.94
CA PHE B 284 17.49 0.21 -4.68
C PHE B 284 17.15 1.48 -3.93
N GLN B 285 17.72 2.61 -4.38
CA GLN B 285 17.52 3.85 -3.64
C GLN B 285 17.41 5.06 -4.53
N ALA B 286 17.15 6.22 -3.90
CA ALA B 286 17.12 7.48 -4.61
C ALA B 286 18.57 7.88 -5.00
N PHE B 287 18.70 8.87 -5.90
CA PHE B 287 19.98 9.38 -6.39
C PHE B 287 20.79 10.01 -5.28
N ASP B 288 22.09 9.73 -5.25
CA ASP B 288 22.99 10.34 -4.28
C ASP B 288 23.54 11.62 -4.96
N TRP B 289 23.15 12.79 -4.42
CA TRP B 289 23.48 14.09 -4.98
C TRP B 289 24.91 14.52 -4.73
N GLY B 290 25.69 13.74 -3.98
CA GLY B 290 27.11 14.03 -3.83
C GLY B 290 27.59 14.55 -2.50
N SER B 291 26.66 15.04 -1.66
CA SER B 291 26.97 15.55 -0.32
C SER B 291 25.78 15.38 0.60
N SER B 292 26.01 15.41 1.91
CA SER B 292 24.97 15.37 2.96
C SER B 292 24.00 16.55 2.78
N ALA B 293 24.55 17.77 2.51
CA ALA B 293 23.79 19.01 2.32
C ALA B 293 22.91 18.91 1.10
N LYS B 294 23.47 18.54 -0.07
CA LYS B 294 22.73 18.34 -1.31
C LYS B 294 21.62 17.30 -1.12
N ASN B 295 21.93 16.18 -0.42
CA ASN B 295 20.94 15.16 -0.11
C ASN B 295 19.85 15.64 0.87
N TYR B 296 20.24 16.44 1.87
CA TYR B 296 19.30 17.00 2.84
C TYR B 296 18.26 17.93 2.20
N PHE B 297 18.68 18.82 1.27
CA PHE B 297 17.74 19.69 0.57
C PHE B 297 16.77 18.94 -0.33
N HIS B 298 17.17 17.81 -0.89
CA HIS B 298 16.29 17.03 -1.77
C HIS B 298 15.37 16.09 -1.01
N TYR B 299 15.88 15.47 0.06
CA TYR B 299 15.19 14.38 0.77
C TYR B 299 14.88 14.57 2.25
N GLN B 300 15.40 15.64 2.86
CA GLN B 300 15.27 15.87 4.31
C GLN B 300 16.04 14.84 5.16
N GLN B 301 17.15 14.30 4.61
CA GLN B 301 18.09 13.35 5.25
C GLN B 301 19.41 13.30 4.44
N SER B 302 20.56 13.13 5.14
CA SER B 302 21.92 13.12 4.58
C SER B 302 22.24 11.99 3.59
N TYR B 303 21.49 10.90 3.65
CA TYR B 303 21.69 9.75 2.76
C TYR B 303 20.40 9.56 1.94
N PRO B 304 20.47 9.13 0.65
CA PRO B 304 19.22 9.00 -0.12
C PRO B 304 18.23 7.95 0.41
N PRO B 305 16.90 8.21 0.35
CA PRO B 305 15.94 7.21 0.82
C PRO B 305 16.05 5.95 0.00
N THR B 306 15.89 4.81 0.68
CA THR B 306 15.90 3.53 0.02
C THR B 306 14.46 3.26 -0.38
N TYR B 307 14.30 2.56 -1.51
CA TYR B 307 13.00 2.18 -2.02
C TYR B 307 12.74 0.73 -1.66
N ASN B 308 11.65 0.50 -0.92
CA ASN B 308 11.24 -0.82 -0.48
C ASN B 308 10.04 -1.27 -1.26
N VAL B 309 10.26 -2.27 -2.12
CA VAL B 309 9.31 -2.94 -2.98
C VAL B 309 8.21 -3.59 -2.12
N LYS B 310 8.50 -3.92 -0.86
CA LYS B 310 7.51 -4.50 0.07
C LYS B 310 6.33 -3.53 0.32
N ASP B 311 6.57 -2.20 0.19
CA ASP B 311 5.55 -1.16 0.35
C ASP B 311 4.59 -1.08 -0.84
N MET B 312 4.90 -1.77 -1.95
CA MET B 312 3.98 -1.77 -3.08
C MET B 312 2.97 -2.89 -2.86
N LEU B 313 1.69 -2.54 -2.90
CA LEU B 313 0.62 -3.49 -2.66
C LEU B 313 -0.17 -3.88 -3.93
N VAL B 314 0.18 -3.29 -5.07
CA VAL B 314 -0.42 -3.50 -6.38
C VAL B 314 -0.26 -4.96 -6.85
N PRO B 315 -1.34 -5.65 -7.31
CA PRO B 315 -1.19 -7.02 -7.86
C PRO B 315 -0.21 -7.00 -9.06
N THR B 316 0.90 -7.76 -8.97
CA THR B 316 1.96 -7.74 -9.97
C THR B 316 2.17 -9.08 -10.66
N ALA B 317 2.39 -9.04 -11.98
CA ALA B 317 2.70 -10.20 -12.84
C ALA B 317 4.07 -9.92 -13.45
N VAL B 318 5.04 -10.82 -13.22
CA VAL B 318 6.43 -10.61 -13.66
C VAL B 318 6.93 -11.63 -14.71
N TRP B 319 7.58 -11.13 -15.78
CA TRP B 319 8.21 -11.94 -16.82
C TRP B 319 9.68 -11.57 -16.86
N SER B 320 10.54 -12.57 -16.78
CA SER B 320 11.98 -12.37 -16.83
C SER B 320 12.59 -13.30 -17.89
N GLY B 321 13.80 -13.00 -18.32
CA GLY B 321 14.54 -13.83 -19.29
C GLY B 321 15.76 -14.47 -18.64
N GLY B 322 15.98 -15.75 -18.92
CA GLY B 322 17.12 -16.50 -18.41
C GLY B 322 18.46 -16.00 -18.93
N HIS B 323 18.44 -15.38 -20.13
CA HIS B 323 19.64 -14.80 -20.75
C HIS B 323 19.66 -13.27 -20.69
N ASP B 324 18.87 -12.68 -19.77
CA ASP B 324 18.79 -11.23 -19.58
C ASP B 324 19.97 -10.75 -18.74
N TRP B 325 20.83 -9.91 -19.33
CA TRP B 325 22.03 -9.31 -18.71
C TRP B 325 21.69 -8.23 -17.69
N LEU B 326 20.69 -7.38 -18.00
CA LEU B 326 20.24 -6.27 -17.16
C LEU B 326 19.34 -6.74 -16.01
N ALA B 327 18.16 -7.33 -16.34
CA ALA B 327 17.22 -7.88 -15.35
C ALA B 327 17.57 -9.37 -15.24
N ASP B 328 18.74 -9.61 -14.66
CA ASP B 328 19.35 -10.92 -14.49
C ASP B 328 18.62 -11.76 -13.46
N VAL B 329 18.79 -13.11 -13.56
CA VAL B 329 18.15 -14.12 -12.73
C VAL B 329 18.32 -13.86 -11.23
N TYR B 330 19.56 -13.56 -10.79
CA TYR B 330 19.89 -13.34 -9.38
C TYR B 330 19.14 -12.14 -8.78
N ASP B 331 19.12 -11.02 -9.50
CA ASP B 331 18.41 -9.81 -9.11
C ASP B 331 16.88 -9.99 -9.19
N VAL B 332 16.39 -10.75 -10.19
CA VAL B 332 14.96 -11.03 -10.36
C VAL B 332 14.45 -11.92 -9.21
N ASN B 333 15.24 -12.93 -8.78
CA ASN B 333 14.86 -13.81 -7.68
C ASN B 333 14.74 -13.04 -6.38
N ILE B 334 15.69 -12.13 -6.11
CA ILE B 334 15.63 -11.25 -4.93
C ILE B 334 14.34 -10.40 -4.96
N LEU B 335 14.03 -9.82 -6.13
CA LEU B 335 12.86 -8.97 -6.33
C LEU B 335 11.52 -9.70 -6.07
N LEU B 336 11.39 -10.96 -6.55
CA LEU B 336 10.17 -11.76 -6.39
C LEU B 336 9.81 -12.04 -4.94
N THR B 337 10.84 -12.17 -4.07
CA THR B 337 10.68 -12.41 -2.62
C THR B 337 10.19 -11.13 -1.90
N GLN B 338 10.24 -9.99 -2.58
CA GLN B 338 9.83 -8.71 -2.03
C GLN B 338 8.49 -8.21 -2.54
N ILE B 339 7.91 -8.85 -3.57
CA ILE B 339 6.63 -8.45 -4.10
C ILE B 339 5.53 -9.13 -3.29
N THR B 340 4.85 -8.32 -2.45
CA THR B 340 3.77 -8.69 -1.53
C THR B 340 2.60 -9.35 -2.23
N ASN B 341 2.19 -8.80 -3.38
CA ASN B 341 1.05 -9.30 -4.14
C ASN B 341 1.51 -9.82 -5.51
N LEU B 342 2.25 -10.95 -5.51
CA LEU B 342 2.75 -11.53 -6.77
C LEU B 342 1.71 -12.48 -7.27
N VAL B 343 1.03 -12.10 -8.33
CA VAL B 343 -0.08 -12.85 -8.94
C VAL B 343 0.42 -13.94 -9.90
N PHE B 344 1.60 -13.74 -10.51
CA PHE B 344 2.20 -14.60 -11.51
C PHE B 344 3.64 -14.22 -11.75
N HIS B 345 4.49 -15.21 -12.03
CA HIS B 345 5.89 -15.00 -12.44
C HIS B 345 6.32 -16.10 -13.42
N GLU B 346 7.02 -15.71 -14.49
CA GLU B 346 7.51 -16.64 -15.52
C GLU B 346 8.88 -16.24 -15.97
N SER B 347 9.76 -17.22 -16.08
CA SER B 347 11.10 -17.01 -16.60
C SER B 347 11.17 -17.73 -17.93
N ILE B 348 11.42 -16.99 -19.01
CA ILE B 348 11.59 -17.55 -20.36
C ILE B 348 13.10 -17.77 -20.53
N PRO B 349 13.54 -19.04 -20.46
CA PRO B 349 14.99 -19.33 -20.41
C PRO B 349 15.92 -18.74 -21.48
N GLU B 350 15.48 -18.63 -22.76
CA GLU B 350 16.41 -18.12 -23.77
C GLU B 350 16.33 -16.58 -23.99
N TRP B 351 15.29 -15.94 -23.41
CA TRP B 351 15.04 -14.53 -23.60
C TRP B 351 16.08 -13.61 -23.03
N GLU B 352 16.34 -12.57 -23.81
CA GLU B 352 17.28 -11.48 -23.54
C GLU B 352 16.40 -10.26 -23.24
N HIS B 353 17.00 -9.16 -22.77
CA HIS B 353 16.29 -7.95 -22.38
C HIS B 353 15.35 -7.34 -23.44
N LEU B 354 15.77 -7.34 -24.70
CA LEU B 354 14.95 -6.73 -25.75
C LEU B 354 13.86 -7.67 -26.32
N ASP B 355 13.86 -8.95 -25.91
CA ASP B 355 12.85 -9.90 -26.39
C ASP B 355 11.43 -9.55 -25.96
N PHE B 356 11.30 -8.83 -24.84
CA PHE B 356 10.02 -8.41 -24.31
C PHE B 356 9.31 -7.45 -25.25
N ILE B 357 10.06 -6.68 -26.04
CA ILE B 357 9.47 -5.69 -26.94
C ILE B 357 9.63 -6.05 -28.42
N TRP B 358 10.70 -6.79 -28.80
CA TRP B 358 10.94 -7.12 -30.20
C TRP B 358 11.10 -8.60 -30.52
N GLY B 359 10.81 -9.47 -29.55
CA GLY B 359 10.90 -10.91 -29.76
C GLY B 359 9.86 -11.41 -30.74
N LEU B 360 10.29 -12.27 -31.70
CA LEU B 360 9.41 -12.86 -32.70
C LEU B 360 8.32 -13.70 -32.06
N ASP B 361 8.64 -14.39 -30.95
CA ASP B 361 7.72 -15.25 -30.21
C ASP B 361 6.97 -14.53 -29.05
N ALA B 362 7.28 -13.28 -28.75
CA ALA B 362 6.61 -12.53 -27.69
C ALA B 362 5.08 -12.52 -27.83
N PRO B 363 4.47 -12.32 -29.04
CA PRO B 363 2.99 -12.34 -29.11
C PRO B 363 2.33 -13.54 -28.45
N TRP B 364 2.89 -14.75 -28.64
CA TRP B 364 2.29 -15.94 -28.04
C TRP B 364 2.84 -16.29 -26.66
N ARG B 365 4.14 -16.13 -26.38
CA ARG B 365 4.59 -16.53 -25.04
C ARG B 365 4.42 -15.46 -23.97
N LEU B 366 4.16 -14.22 -24.37
CA LEU B 366 4.02 -13.11 -23.43
C LEU B 366 2.71 -12.36 -23.62
N TYR B 367 2.53 -11.71 -24.77
CA TYR B 367 1.41 -10.81 -25.04
C TYR B 367 0.04 -11.48 -24.85
N ASN B 368 -0.09 -12.77 -25.16
CA ASN B 368 -1.34 -13.50 -24.94
C ASN B 368 -1.66 -13.66 -23.46
N LYS B 369 -0.62 -13.89 -22.63
CA LYS B 369 -0.78 -14.03 -21.19
C LYS B 369 -1.17 -12.72 -20.52
N ILE B 370 -0.63 -11.58 -21.00
CA ILE B 370 -0.95 -10.25 -20.48
C ILE B 370 -2.44 -10.08 -20.66
N ILE B 371 -2.93 -10.34 -21.89
CA ILE B 371 -4.36 -10.28 -22.25
C ILE B 371 -5.15 -11.25 -21.37
N ASN B 372 -4.64 -12.48 -21.20
CA ASN B 372 -5.29 -13.50 -20.36
C ASN B 372 -5.58 -13.02 -18.91
N LEU B 373 -4.54 -12.49 -18.23
CA LEU B 373 -4.63 -12.01 -16.84
C LEU B 373 -5.58 -10.84 -16.71
N MET B 374 -5.59 -9.95 -17.73
CA MET B 374 -6.47 -8.78 -17.84
C MET B 374 -7.91 -9.25 -17.99
N ARG B 375 -8.14 -10.27 -18.83
CA ARG B 375 -9.47 -10.86 -19.04
C ARG B 375 -9.95 -11.61 -17.80
N LYS B 376 -9.02 -12.25 -17.07
CA LYS B 376 -9.31 -12.93 -15.80
C LYS B 376 -9.70 -11.86 -14.75
N TYR B 377 -9.01 -10.69 -14.77
CA TYR B 377 -9.29 -9.55 -13.87
C TYR B 377 -10.65 -9.00 -14.24
N GLN B 378 -10.91 -8.85 -15.54
CA GLN B 378 -12.17 -8.33 -16.07
C GLN B 378 -13.34 -9.22 -15.76
N ALA B 379 -13.18 -10.56 -15.85
CA ALA B 379 -14.20 -11.55 -15.51
C ALA B 379 -14.60 -11.40 -14.05
N SER B 380 -13.61 -11.23 -13.14
CA SER B 380 -13.79 -11.02 -11.70
C SER B 380 -14.54 -9.71 -11.46
N GLU B 381 -14.13 -8.62 -12.15
CA GLU B 381 -14.74 -7.29 -12.07
C GLU B 381 -16.22 -7.36 -12.50
N ASN B 382 -16.49 -7.97 -13.69
CA ASN B 382 -17.83 -8.16 -14.27
C ASN B 382 -18.72 -9.07 -13.44
N ASN B 383 -18.11 -9.81 -12.49
CA ASN B 383 -18.77 -10.72 -11.56
C ASN B 383 -19.40 -9.95 -10.37
N LEU B 384 -19.35 -8.60 -10.37
CA LEU B 384 -19.97 -7.76 -9.32
C LEU B 384 -21.48 -7.67 -9.55
C1 NAG C . -15.90 -14.74 38.34
C2 NAG C . -14.41 -15.11 38.42
C3 NAG C . -14.18 -15.44 39.90
C4 NAG C . -14.33 -14.15 40.71
C5 NAG C . -15.76 -13.61 40.51
C6 NAG C . -15.96 -12.22 41.07
C7 NAG C . -14.61 -17.36 37.35
C8 NAG C . -14.12 -18.17 36.18
N2 NAG C . -13.97 -16.20 37.56
O3 NAG C . -12.91 -16.05 40.14
O4 NAG C . -14.05 -14.36 42.09
O5 NAG C . -16.08 -13.54 39.11
O6 NAG C . -15.15 -11.26 40.40
O7 NAG C . -15.52 -17.74 38.08
C1 NAG C . -12.97 -13.65 42.69
C2 NAG C . -13.15 -13.72 44.21
C3 NAG C . -11.99 -12.95 44.85
C4 NAG C . -10.66 -13.58 44.46
C5 NAG C . -10.54 -13.63 42.94
C6 NAG C . -9.35 -14.46 42.47
C7 NAG C . -15.02 -12.08 44.47
C8 NAG C . -16.44 -11.94 44.94
N2 NAG C . -14.44 -13.27 44.71
O3 NAG C . -12.12 -12.93 46.26
O4 NAG C . -9.57 -12.89 45.08
O5 NAG C . -11.70 -14.24 42.35
O6 NAG C . -9.56 -15.86 42.67
O7 NAG C . -14.42 -11.16 43.90
C1 NAG D . 10.20 -8.73 -40.58
C2 NAG D . 8.69 -8.53 -40.60
C3 NAG D . 8.34 -8.46 -42.09
C4 NAG D . 8.95 -7.20 -42.69
C5 NAG D . 10.47 -7.24 -42.52
C6 NAG D . 11.15 -5.94 -42.84
C7 NAG D . 8.05 -10.86 -39.93
C8 NAG D . 7.33 -11.62 -38.88
N2 NAG D . 7.89 -9.52 -39.91
O3 NAG D . 6.93 -8.51 -42.31
O4 NAG D . 8.59 -7.03 -44.06
O5 NAG D . 10.82 -7.56 -41.15
O6 NAG D . 10.77 -4.89 -41.95
O7 NAG D . 8.76 -11.41 -40.78
C1 NAG D . 7.85 -5.87 -44.45
C2 NAG D . 7.97 -5.73 -45.96
C3 NAG D . 7.18 -4.49 -46.38
C4 NAG D . 5.71 -4.66 -46.01
C5 NAG D . 5.59 -4.94 -44.50
C6 NAG D . 4.19 -5.34 -44.07
C7 NAG D . 10.32 -4.86 -46.10
C8 NAG D . 11.68 -5.16 -46.64
N2 NAG D . 9.33 -5.70 -46.48
O3 NAG D . 7.30 -4.27 -47.78
O4 NAG D . 4.96 -3.52 -46.39
O5 NAG D . 6.46 -6.02 -44.12
O6 NAG D . 3.86 -6.65 -44.51
O7 NAG D . 10.12 -3.91 -45.33
C1 NAG E . -1.62 4.15 37.98
C2 NAG E . -1.03 5.47 37.48
C3 NAG E . 0.44 5.50 37.90
C4 NAG E . 0.58 5.36 39.42
C5 NAG E . -0.14 4.09 39.89
C6 NAG E . -0.21 3.95 41.40
C7 NAG E . -2.10 6.28 35.42
C8 NAG E . -2.06 6.28 33.91
N2 NAG E . -1.14 5.57 36.04
O3 NAG E . 1.05 6.71 37.46
O4 NAG E . 1.95 5.31 39.80
O5 NAG E . -1.51 4.09 39.41
O6 NAG E . -0.95 5.00 42.00
O7 NAG E . -2.97 6.89 36.04
S SO4 F . -10.42 8.08 -3.09
O1 SO4 F . -10.65 8.42 -4.47
O2 SO4 F . -8.99 8.06 -2.76
O3 SO4 F . -11.08 9.07 -2.28
O4 SO4 F . -11.02 6.77 -2.83
C1 NAG G . 4.15 13.65 -35.91
C2 NAG G . 4.10 14.97 -35.14
C3 NAG G . 2.73 15.61 -35.43
C4 NAG G . 2.52 15.81 -36.92
C5 NAG G . 2.71 14.47 -37.65
C6 NAG G . 2.63 14.57 -39.16
C7 NAG G . 5.46 14.93 -33.08
C8 NAG G . 5.45 14.64 -31.60
N2 NAG G . 4.29 14.76 -33.71
O3 NAG G . 2.64 16.85 -34.74
O4 NAG G . 1.23 16.34 -37.17
O5 NAG G . 3.99 13.90 -37.31
O6 NAG G . 3.68 15.39 -39.69
O7 NAG G . 6.48 15.29 -33.66
C1 NAG H . -9.34 16.97 -18.09
C2 NAG H . -10.84 17.17 -18.41
C3 NAG H . -10.90 18.59 -19.02
C4 NAG H . -10.30 19.64 -18.10
C5 NAG H . -8.84 19.30 -17.76
C6 NAG H . -8.22 20.20 -16.73
C7 NAG H . -12.57 15.97 -19.76
C8 NAG H . -12.78 15.03 -20.91
N2 NAG H . -11.28 16.18 -19.38
O3 NAG H . -12.25 18.95 -19.31
O4 NAG H . -10.33 20.90 -18.76
O5 NAG H . -8.78 17.97 -17.23
O6 NAG H . -6.93 19.72 -16.32
O7 NAG H . -13.52 16.52 -19.19
S SO4 I . 15.62 5.42 4.63
O1 SO4 I . 16.67 5.87 3.74
O2 SO4 I . 15.92 4.07 5.07
O3 SO4 I . 14.32 5.48 3.92
O4 SO4 I . 15.54 6.30 5.80
S SO4 J . 14.19 24.44 -26.13
O1 SO4 J . 15.61 24.29 -26.48
O2 SO4 J . 13.92 25.86 -25.87
O3 SO4 J . 13.87 23.64 -24.94
O4 SO4 J . 13.36 23.97 -27.25
#